data_4ACD
#
_entry.id   4ACD
#
_cell.length_a   83.319
_cell.length_b   84.989
_cell.length_c   177.669
_cell.angle_alpha   90.00
_cell.angle_beta   90.00
_cell.angle_gamma   90.00
#
_symmetry.space_group_name_H-M   'P 21 21 21'
#
loop_
_entity.id
_entity.type
_entity.pdbx_description
1 polymer 'GLYCOGEN SYNTHASE KINASE-3 BETA'
2 non-polymer 3-AMINO-6-{4-[(4-METHYLPIPERAZIN-1-YL)SULFONYL]PHENYL}-N-PYRIDIN-3-YLPYRAZINE-2-CARBOXAMIDE
3 water water
#
_entity_poly.entity_id   1
_entity_poly.type   'polypeptide(L)'
_entity_poly.pdbx_seq_one_letter_code
;MSYYHHHHHHDYDIPTTENLYFQGAMGSSHHHHHHSSGLVPRGSHMSGRPRTTSFAESCKPVQQPSAFGSMKVSRDKDGS
KVTTVVATPGQGPDRPQEVSYTDTKVIGNGSFGVVYQAKLCDSGELVAIKKVLQDKRFKNRELQIMRKLDHCNIVRLRYF
FYSSGEKKDEVYLNLVLDYVPETVYRVARHYSRAKQTLPVIYVKLYMYQLFRSLAYIHSFGICHRDIKPQNLLLDPDTAV
LKLCDFGSAKQLVRGEPNVSYICSRYYRAPELIFGATDYTSSIDVWSAGCVLAELLLGQPIFPGDSGVDQLVEIIKVLGT
PTREQIREMNPNYTEFKFPQIKAHPWTKVFRPRTPPEAIALCSRLLEYTPTARLTPLEACAHSFFDELRDPNVKLPNGRD
TPALFNFTTQELSSNPPLATILIPPHARIQAAASTPTNATAASDANTGDRGQTNNAASASASNST
;
_entity_poly.pdbx_strand_id   A,B
#
# COMPACT_ATOMS: atom_id res chain seq x y z
N SER A 80 -40.45 3.39 -9.66
CA SER A 80 -39.23 2.77 -10.15
C SER A 80 -38.92 3.21 -11.59
N LYS A 81 -37.70 3.78 -11.82
CA LYS A 81 -37.27 4.23 -13.14
C LYS A 81 -36.80 3.05 -14.03
N VAL A 82 -37.55 2.79 -15.14
CA VAL A 82 -37.17 1.78 -16.13
C VAL A 82 -36.24 2.40 -17.18
N THR A 83 -35.02 1.85 -17.29
CA THR A 83 -34.03 2.30 -18.27
C THR A 83 -33.97 1.29 -19.38
N THR A 84 -34.18 1.73 -20.63
CA THR A 84 -34.10 0.88 -21.82
C THR A 84 -32.92 1.33 -22.66
N VAL A 85 -32.04 0.37 -22.96
CA VAL A 85 -30.79 0.59 -23.71
C VAL A 85 -30.67 -0.43 -24.84
N VAL A 86 -29.86 -0.09 -25.85
CA VAL A 86 -29.57 -1.01 -26.94
C VAL A 86 -28.16 -1.48 -26.68
N ALA A 87 -28.06 -2.72 -26.16
CA ALA A 87 -26.80 -3.32 -25.72
C ALA A 87 -26.38 -4.53 -26.50
N THR A 88 -25.07 -4.66 -26.68
CA THR A 88 -24.45 -5.75 -27.42
C THR A 88 -24.22 -6.93 -26.49
N PRO A 89 -24.62 -8.16 -26.85
CA PRO A 89 -24.32 -9.32 -25.96
C PRO A 89 -22.80 -9.54 -25.83
N GLY A 90 -22.35 -9.87 -24.61
CA GLY A 90 -20.96 -10.06 -24.27
C GLY A 90 -20.20 -11.00 -25.16
N GLN A 91 -20.76 -12.19 -25.35
CA GLN A 91 -20.17 -13.20 -26.20
C GLN A 91 -21.10 -13.53 -27.35
N GLY A 92 -20.52 -14.14 -28.38
CA GLY A 92 -21.26 -14.54 -29.56
C GLY A 92 -21.39 -13.46 -30.62
N PRO A 93 -22.53 -13.48 -31.36
CA PRO A 93 -22.69 -12.53 -32.46
C PRO A 93 -22.98 -11.12 -32.01
N ASP A 94 -22.31 -10.14 -32.66
CA ASP A 94 -22.46 -8.71 -32.39
C ASP A 94 -23.83 -8.22 -32.94
N ARG A 95 -24.90 -8.67 -32.27
CA ARG A 95 -26.26 -8.39 -32.64
C ARG A 95 -26.97 -7.67 -31.50
N PRO A 96 -26.90 -6.34 -31.50
CA PRO A 96 -27.50 -5.55 -30.40
C PRO A 96 -28.96 -5.81 -30.11
N GLN A 97 -29.36 -5.64 -28.84
CA GLN A 97 -30.75 -5.86 -28.43
C GLN A 97 -31.16 -4.92 -27.36
N GLU A 98 -32.46 -4.74 -27.20
CA GLU A 98 -33.02 -3.84 -26.21
C GLU A 98 -33.02 -4.50 -24.86
N VAL A 99 -32.32 -3.86 -23.92
CA VAL A 99 -32.20 -4.35 -22.55
C VAL A 99 -32.84 -3.31 -21.64
N SER A 100 -33.84 -3.75 -20.88
CA SER A 100 -34.56 -2.92 -19.92
C SER A 100 -34.25 -3.36 -18.49
N TYR A 101 -33.90 -2.38 -17.65
CA TYR A 101 -33.58 -2.65 -16.26
C TYR A 101 -34.13 -1.57 -15.31
N THR A 102 -34.40 -1.99 -14.08
CA THR A 102 -34.93 -1.10 -13.06
C THR A 102 -34.18 -1.30 -11.73
N ASP A 103 -34.61 -0.56 -10.70
CA ASP A 103 -34.07 -0.64 -9.33
C ASP A 103 -32.57 -0.38 -9.28
N THR A 104 -32.09 0.63 -10.04
CA THR A 104 -30.68 1.00 -10.08
C THR A 104 -30.23 1.46 -8.68
N LYS A 105 -29.11 0.92 -8.18
CA LYS A 105 -28.58 1.20 -6.83
C LYS A 105 -27.06 1.07 -6.91
N VAL A 106 -26.29 2.09 -6.46
CA VAL A 106 -24.82 2.10 -6.40
C VAL A 106 -24.36 1.10 -5.34
N ILE A 107 -23.52 0.13 -5.74
CA ILE A 107 -22.96 -0.88 -4.85
C ILE A 107 -21.48 -0.70 -4.57
N GLY A 108 -20.83 0.19 -5.33
CA GLY A 108 -19.41 0.45 -5.20
C GLY A 108 -18.88 1.59 -6.03
N ASN A 109 -17.83 2.24 -5.52
CA ASN A 109 -17.14 3.39 -6.09
C ASN A 109 -15.64 3.09 -6.00
N GLY A 110 -14.88 3.59 -6.96
CA GLY A 110 -13.44 3.38 -6.97
C GLY A 110 -12.75 4.29 -7.95
N SER A 111 -11.43 4.06 -8.13
CA SER A 111 -10.63 4.83 -9.09
C SER A 111 -11.29 4.70 -10.49
N PHE A 112 -11.63 3.44 -10.89
CA PHE A 112 -12.26 3.03 -12.14
C PHE A 112 -13.53 3.78 -12.53
N GLY A 113 -14.43 3.97 -11.57
CA GLY A 113 -15.73 4.56 -11.76
C GLY A 113 -16.71 4.03 -10.72
N VAL A 114 -17.91 3.62 -11.17
CA VAL A 114 -19.01 3.16 -10.31
C VAL A 114 -19.53 1.79 -10.74
N VAL A 115 -19.96 0.96 -9.76
CA VAL A 115 -20.62 -0.33 -9.98
C VAL A 115 -22.05 -0.19 -9.39
N TYR A 116 -23.07 -0.47 -10.21
CA TYR A 116 -24.47 -0.38 -9.83
C TYR A 116 -25.03 -1.78 -9.76
N GLN A 117 -26.18 -1.93 -9.11
CA GLN A 117 -26.96 -3.15 -9.06
C GLN A 117 -28.27 -2.73 -9.69
N ALA A 118 -28.86 -3.60 -10.48
CA ALA A 118 -30.12 -3.34 -11.17
C ALA A 118 -30.79 -4.68 -11.37
N LYS A 119 -32.07 -4.64 -11.72
CA LYS A 119 -32.84 -5.84 -11.98
C LYS A 119 -33.31 -5.81 -13.44
N LEU A 120 -33.07 -6.89 -14.14
CA LEU A 120 -33.51 -7.00 -15.53
C LEU A 120 -35.03 -7.18 -15.54
N CYS A 121 -35.75 -6.32 -16.29
CA CYS A 121 -37.21 -6.33 -16.40
C CYS A 121 -37.77 -7.69 -16.86
N ASP A 122 -37.36 -8.17 -18.04
CA ASP A 122 -37.88 -9.42 -18.59
C ASP A 122 -37.60 -10.74 -17.82
N SER A 123 -36.60 -10.77 -16.91
CA SER A 123 -36.25 -11.98 -16.15
C SER A 123 -36.31 -11.85 -14.63
N GLY A 124 -36.09 -10.66 -14.10
CA GLY A 124 -36.08 -10.43 -12.66
C GLY A 124 -34.72 -10.66 -12.02
N GLU A 125 -33.78 -11.19 -12.84
CA GLU A 125 -32.37 -11.48 -12.58
C GLU A 125 -31.66 -10.22 -12.19
N LEU A 126 -30.89 -10.28 -11.09
CA LEU A 126 -30.08 -9.17 -10.63
C LEU A 126 -28.78 -9.18 -11.41
N VAL A 127 -28.34 -7.98 -11.81
CA VAL A 127 -27.13 -7.77 -12.57
C VAL A 127 -26.32 -6.65 -11.95
N ALA A 128 -25.05 -6.57 -12.32
CA ALA A 128 -24.19 -5.47 -11.91
C ALA A 128 -23.81 -4.72 -13.17
N ILE A 129 -23.79 -3.39 -13.11
CA ILE A 129 -23.40 -2.53 -14.21
C ILE A 129 -22.16 -1.79 -13.76
N LYS A 130 -20.99 -2.10 -14.38
CA LYS A 130 -19.71 -1.43 -14.12
C LYS A 130 -19.60 -0.32 -15.17
N LYS A 131 -19.68 0.94 -14.73
CA LYS A 131 -19.66 2.14 -15.57
C LYS A 131 -18.34 2.87 -15.45
N VAL A 132 -17.58 2.95 -16.56
CA VAL A 132 -16.26 3.61 -16.68
C VAL A 132 -16.29 4.60 -17.84
N LEU A 133 -15.52 5.68 -17.74
CA LEU A 133 -15.41 6.65 -18.82
C LEU A 133 -14.59 6.04 -19.95
N GLN A 134 -15.04 6.15 -21.19
CA GLN A 134 -14.31 5.57 -22.32
C GLN A 134 -13.81 6.66 -23.27
N ASP A 135 -12.48 6.73 -23.49
CA ASP A 135 -11.89 7.68 -24.46
C ASP A 135 -11.80 6.91 -25.74
N LYS A 136 -12.37 7.43 -26.85
CA LYS A 136 -12.34 6.67 -28.10
C LYS A 136 -10.99 6.64 -28.87
N ARG A 137 -9.94 7.29 -28.33
CA ARG A 137 -8.56 7.25 -28.85
C ARG A 137 -7.86 5.89 -28.51
N PHE A 138 -8.70 4.85 -28.17
CA PHE A 138 -8.36 3.46 -27.84
C PHE A 138 -9.62 2.66 -27.45
N LYS A 139 -9.53 1.33 -27.58
CA LYS A 139 -10.57 0.37 -27.21
C LYS A 139 -10.31 -0.01 -25.74
N ASN A 140 -11.39 -0.27 -24.96
CA ASN A 140 -11.30 -0.66 -23.56
C ASN A 140 -10.70 -2.06 -23.44
N ARG A 141 -9.56 -2.18 -22.74
CA ARG A 141 -8.82 -3.42 -22.52
C ARG A 141 -9.66 -4.44 -21.71
N GLU A 142 -10.39 -3.94 -20.68
CA GLU A 142 -11.20 -4.82 -19.84
C GLU A 142 -12.33 -5.44 -20.67
N LEU A 143 -12.99 -4.63 -21.52
CA LEU A 143 -14.08 -5.09 -22.38
C LEU A 143 -13.61 -6.19 -23.32
N GLN A 144 -12.43 -6.01 -23.97
CA GLN A 144 -11.90 -6.98 -24.91
C GLN A 144 -11.59 -8.29 -24.23
N ILE A 145 -11.10 -8.24 -22.98
CA ILE A 145 -10.84 -9.42 -22.17
C ILE A 145 -12.16 -10.08 -21.79
N MET A 146 -13.12 -9.34 -21.23
CA MET A 146 -14.42 -9.87 -20.81
C MET A 146 -15.12 -10.70 -21.87
N ARG A 147 -15.17 -10.16 -23.11
CA ARG A 147 -15.82 -10.73 -24.29
C ARG A 147 -15.31 -12.11 -24.72
N LYS A 148 -14.10 -12.49 -24.31
CA LYS A 148 -13.48 -13.77 -24.62
C LYS A 148 -13.90 -14.86 -23.63
N LEU A 149 -14.09 -14.47 -22.36
CA LEU A 149 -14.31 -15.29 -21.18
C LEU A 149 -15.67 -15.88 -20.95
N ASP A 150 -15.67 -17.15 -20.58
CA ASP A 150 -16.87 -17.90 -20.26
C ASP A 150 -16.52 -19.05 -19.33
N HIS A 151 -16.64 -18.78 -18.03
CA HIS A 151 -16.31 -19.72 -16.95
C HIS A 151 -17.27 -19.52 -15.79
N CYS A 152 -17.57 -20.62 -15.11
CA CYS A 152 -18.52 -20.63 -14.01
C CYS A 152 -18.01 -19.95 -12.77
N ASN A 153 -16.69 -19.73 -12.67
CA ASN A 153 -16.03 -19.06 -11.56
C ASN A 153 -15.53 -17.67 -11.90
N ILE A 154 -16.11 -17.05 -12.93
CA ILE A 154 -15.77 -15.70 -13.38
C ILE A 154 -17.08 -15.06 -13.71
N VAL A 155 -17.21 -13.81 -13.31
CA VAL A 155 -18.39 -13.00 -13.52
C VAL A 155 -18.55 -12.79 -15.03
N ARG A 156 -19.67 -13.18 -15.57
CA ARG A 156 -19.95 -13.09 -17.00
C ARG A 156 -20.34 -11.72 -17.47
N LEU A 157 -19.78 -11.28 -18.64
CA LEU A 157 -20.20 -10.05 -19.31
C LEU A 157 -21.45 -10.42 -20.12
N ARG A 158 -22.61 -9.99 -19.65
CA ARG A 158 -23.88 -10.29 -20.30
C ARG A 158 -24.13 -9.39 -21.52
N TYR A 159 -23.97 -8.07 -21.32
CA TYR A 159 -24.12 -7.04 -22.32
C TYR A 159 -23.12 -5.95 -22.04
N PHE A 160 -22.97 -5.04 -22.97
CA PHE A 160 -22.22 -3.81 -22.84
C PHE A 160 -22.89 -2.76 -23.71
N PHE A 161 -22.76 -1.48 -23.33
CA PHE A 161 -23.34 -0.36 -24.04
C PHE A 161 -22.67 0.95 -23.66
N TYR A 162 -22.90 2.01 -24.49
CA TYR A 162 -22.35 3.35 -24.29
C TYR A 162 -23.46 4.31 -23.88
N SER A 163 -23.15 5.26 -22.99
CA SER A 163 -24.10 6.25 -22.44
C SER A 163 -23.36 7.47 -21.91
N SER A 164 -24.07 8.37 -21.20
CA SER A 164 -23.45 9.50 -20.52
C SER A 164 -23.61 9.40 -18.98
N GLY A 165 -23.12 10.43 -18.27
CA GLY A 165 -23.16 10.56 -16.81
C GLY A 165 -22.71 11.94 -16.39
N GLU A 166 -21.52 12.40 -16.89
CA GLU A 166 -20.91 13.72 -16.64
C GLU A 166 -20.20 14.30 -17.90
N LYS A 167 -20.89 15.25 -18.62
CA LYS A 167 -20.52 16.05 -19.83
C LYS A 167 -21.01 15.63 -21.22
N LYS A 168 -21.36 16.67 -22.05
CA LYS A 168 -21.83 16.59 -23.45
C LYS A 168 -20.68 16.36 -24.46
N ASP A 169 -19.80 15.42 -24.09
CA ASP A 169 -18.62 14.92 -24.79
C ASP A 169 -18.21 13.64 -24.07
N GLU A 170 -18.49 13.57 -22.74
CA GLU A 170 -18.13 12.41 -21.95
C GLU A 170 -19.02 11.20 -22.08
N VAL A 171 -18.42 10.14 -22.67
CA VAL A 171 -18.98 8.83 -23.02
C VAL A 171 -18.47 7.76 -22.07
N TYR A 172 -19.43 7.04 -21.50
CA TYR A 172 -19.21 5.97 -20.55
C TYR A 172 -19.47 4.62 -21.14
N LEU A 173 -18.54 3.69 -20.88
CA LEU A 173 -18.73 2.29 -21.23
C LEU A 173 -19.44 1.65 -20.01
N ASN A 174 -20.50 0.88 -20.28
CA ASN A 174 -21.28 0.19 -19.26
C ASN A 174 -21.18 -1.29 -19.52
N LEU A 175 -20.69 -2.06 -18.55
CA LEU A 175 -20.52 -3.50 -18.62
C LEU A 175 -21.60 -4.16 -17.77
N VAL A 176 -22.57 -4.87 -18.40
CA VAL A 176 -23.66 -5.54 -17.67
C VAL A 176 -23.18 -6.93 -17.35
N LEU A 177 -22.89 -7.17 -16.05
CA LEU A 177 -22.28 -8.39 -15.50
C LEU A 177 -23.21 -9.16 -14.60
N ASP A 178 -22.79 -10.38 -14.26
CA ASP A 178 -23.46 -11.20 -13.26
C ASP A 178 -23.33 -10.47 -11.90
N TYR A 179 -24.40 -10.53 -11.07
CA TYR A 179 -24.38 -9.97 -9.72
C TYR A 179 -24.21 -11.13 -8.74
N VAL A 180 -23.19 -11.05 -7.90
CA VAL A 180 -22.92 -12.09 -6.91
C VAL A 180 -22.96 -11.33 -5.58
N PRO A 181 -23.81 -11.75 -4.62
CA PRO A 181 -24.13 -10.90 -3.47
C PRO A 181 -23.09 -10.56 -2.42
N GLU A 182 -22.21 -11.51 -2.07
CA GLU A 182 -21.18 -11.33 -1.04
C GLU A 182 -19.73 -11.28 -1.61
N THR A 183 -18.74 -11.08 -0.71
CA THR A 183 -17.30 -11.07 -1.02
C THR A 183 -16.53 -11.88 0.04
N VAL A 184 -15.38 -12.46 -0.33
CA VAL A 184 -14.51 -13.23 0.56
C VAL A 184 -14.06 -12.30 1.70
N TYR A 185 -13.82 -11.03 1.37
CA TYR A 185 -13.42 -9.95 2.26
C TYR A 185 -14.43 -9.77 3.39
N ARG A 186 -15.71 -9.55 3.04
CA ARG A 186 -16.80 -9.38 4.00
C ARG A 186 -17.07 -10.65 4.78
N VAL A 187 -17.05 -11.81 4.12
CA VAL A 187 -17.21 -13.08 4.82
C VAL A 187 -16.12 -13.31 5.85
N ALA A 188 -14.84 -13.26 5.45
CA ALA A 188 -13.68 -13.40 6.33
C ALA A 188 -13.70 -12.40 7.49
N ARG A 189 -14.22 -11.18 7.27
CA ARG A 189 -14.31 -10.12 8.28
C ARG A 189 -15.34 -10.43 9.35
N HIS A 190 -16.48 -11.08 9.00
CA HIS A 190 -17.48 -11.50 9.99
C HIS A 190 -16.77 -12.47 10.95
N TYR A 191 -16.07 -13.47 10.41
CA TYR A 191 -15.38 -14.46 11.20
C TYR A 191 -14.32 -13.90 12.12
N SER A 192 -13.44 -12.97 11.64
CA SER A 192 -12.42 -12.38 12.53
C SER A 192 -12.99 -11.47 13.65
N ARG A 193 -14.09 -10.74 13.37
CA ARG A 193 -14.78 -9.92 14.37
C ARG A 193 -15.42 -10.85 15.42
N ALA A 194 -15.93 -12.02 14.98
CA ALA A 194 -16.55 -13.06 15.81
C ALA A 194 -15.49 -13.92 16.53
N LYS A 195 -14.20 -13.58 16.35
CA LYS A 195 -13.06 -14.35 16.86
C LYS A 195 -13.13 -15.84 16.44
N GLN A 196 -13.57 -16.08 15.18
CA GLN A 196 -13.72 -17.38 14.53
C GLN A 196 -12.90 -17.46 13.23
N THR A 197 -12.64 -18.69 12.75
CA THR A 197 -12.05 -18.87 11.42
C THR A 197 -13.15 -19.47 10.54
N LEU A 198 -13.03 -19.26 9.24
CA LEU A 198 -13.97 -19.76 8.27
C LEU A 198 -13.80 -21.28 8.25
N PRO A 199 -14.89 -22.08 8.42
CA PRO A 199 -14.72 -23.53 8.35
C PRO A 199 -14.00 -23.93 7.06
N VAL A 200 -12.94 -24.74 7.21
CA VAL A 200 -12.08 -25.24 6.14
C VAL A 200 -12.82 -25.79 4.90
N ILE A 201 -14.08 -26.26 5.05
CA ILE A 201 -14.83 -26.72 3.88
C ILE A 201 -15.02 -25.52 2.94
N TYR A 202 -15.31 -24.35 3.49
CA TYR A 202 -15.49 -23.12 2.72
C TYR A 202 -14.16 -22.64 2.14
N VAL A 203 -13.06 -22.77 2.90
CA VAL A 203 -11.70 -22.44 2.46
C VAL A 203 -11.36 -23.30 1.21
N LYS A 204 -11.67 -24.62 1.26
CA LYS A 204 -11.50 -25.58 0.18
C LYS A 204 -12.35 -25.18 -1.03
N LEU A 205 -13.67 -25.00 -0.85
CA LEU A 205 -14.59 -24.62 -1.92
C LEU A 205 -14.20 -23.32 -2.60
N TYR A 206 -13.89 -22.28 -1.82
CA TYR A 206 -13.56 -20.94 -2.31
C TYR A 206 -12.22 -20.92 -3.02
N MET A 207 -11.20 -21.53 -2.40
CA MET A 207 -9.88 -21.62 -3.01
C MET A 207 -9.83 -22.41 -4.31
N TYR A 208 -10.46 -23.61 -4.35
CA TYR A 208 -10.51 -24.47 -5.54
C TYR A 208 -11.11 -23.73 -6.74
N GLN A 209 -12.22 -23.05 -6.51
CA GLN A 209 -12.94 -22.23 -7.49
C GLN A 209 -12.08 -21.08 -7.98
N LEU A 210 -11.32 -20.45 -7.08
CA LEU A 210 -10.41 -19.37 -7.45
C LEU A 210 -9.33 -19.89 -8.42
N PHE A 211 -8.72 -21.05 -8.09
CA PHE A 211 -7.70 -21.67 -8.92
C PHE A 211 -8.23 -22.11 -10.28
N ARG A 212 -9.51 -22.53 -10.35
CA ARG A 212 -10.14 -22.91 -11.61
C ARG A 212 -10.25 -21.67 -12.48
N SER A 213 -10.77 -20.57 -11.92
CA SER A 213 -10.87 -19.29 -12.64
C SER A 213 -9.48 -18.82 -13.17
N LEU A 214 -8.41 -19.00 -12.34
CA LEU A 214 -7.05 -18.63 -12.70
C LEU A 214 -6.49 -19.56 -13.78
N ALA A 215 -6.74 -20.91 -13.69
CA ALA A 215 -6.34 -21.92 -14.70
C ALA A 215 -6.91 -21.54 -16.08
N TYR A 216 -8.17 -21.14 -16.08
CA TYR A 216 -8.91 -20.70 -17.25
C TYR A 216 -8.28 -19.45 -17.91
N ILE A 217 -8.23 -18.30 -17.21
CA ILE A 217 -7.70 -17.05 -17.76
C ILE A 217 -6.24 -17.18 -18.18
N HIS A 218 -5.44 -17.87 -17.37
CA HIS A 218 -4.02 -18.12 -17.66
C HIS A 218 -3.80 -18.88 -18.97
N SER A 219 -4.74 -19.77 -19.32
CA SER A 219 -4.68 -20.56 -20.54
C SER A 219 -4.79 -19.70 -21.81
N PHE A 220 -5.27 -18.44 -21.67
CA PHE A 220 -5.39 -17.45 -22.74
C PHE A 220 -4.22 -16.46 -22.67
N GLY A 221 -3.33 -16.66 -21.71
CA GLY A 221 -2.21 -15.77 -21.47
C GLY A 221 -2.53 -14.56 -20.62
N ILE A 222 -3.83 -14.41 -20.18
CA ILE A 222 -4.37 -13.33 -19.33
C ILE A 222 -4.04 -13.53 -17.83
N CYS A 223 -3.48 -12.48 -17.19
CA CYS A 223 -3.12 -12.38 -15.77
C CYS A 223 -4.09 -11.37 -15.20
N HIS A 224 -4.80 -11.72 -14.10
CA HIS A 224 -5.77 -10.84 -13.46
C HIS A 224 -5.05 -9.59 -12.92
N ARG A 225 -3.93 -9.80 -12.20
CA ARG A 225 -3.09 -8.73 -11.65
C ARG A 225 -3.66 -7.96 -10.43
N ASP A 226 -4.81 -8.38 -9.87
CA ASP A 226 -5.39 -7.79 -8.67
C ASP A 226 -6.19 -8.80 -7.84
N ILE A 227 -5.58 -9.97 -7.56
CA ILE A 227 -6.25 -10.98 -6.75
C ILE A 227 -6.19 -10.52 -5.29
N LYS A 228 -7.38 -10.31 -4.72
CA LYS A 228 -7.59 -9.87 -3.34
C LYS A 228 -8.99 -10.29 -2.88
N PRO A 229 -9.23 -10.50 -1.55
CA PRO A 229 -10.57 -10.90 -1.08
C PRO A 229 -11.76 -10.08 -1.56
N GLN A 230 -11.58 -8.77 -1.88
CA GLN A 230 -12.68 -7.93 -2.38
C GLN A 230 -13.11 -8.25 -3.83
N ASN A 231 -12.20 -8.83 -4.65
CA ASN A 231 -12.41 -9.22 -6.04
C ASN A 231 -12.89 -10.69 -6.20
N LEU A 232 -13.24 -11.35 -5.08
CA LEU A 232 -13.71 -12.72 -5.03
C LEU A 232 -15.07 -12.64 -4.47
N LEU A 233 -16.08 -12.81 -5.33
CA LEU A 233 -17.48 -12.74 -4.96
C LEU A 233 -18.02 -14.12 -4.60
N LEU A 234 -19.01 -14.18 -3.69
CA LEU A 234 -19.61 -15.43 -3.23
C LEU A 234 -21.11 -15.38 -3.20
N ASP A 235 -21.75 -16.52 -3.49
CA ASP A 235 -23.19 -16.67 -3.31
C ASP A 235 -23.25 -17.51 -2.02
N PRO A 236 -23.82 -16.95 -0.93
CA PRO A 236 -23.79 -17.68 0.37
C PRO A 236 -24.55 -18.99 0.41
N ASP A 237 -25.54 -19.16 -0.49
CA ASP A 237 -26.41 -20.33 -0.56
C ASP A 237 -25.84 -21.46 -1.38
N THR A 238 -25.27 -21.16 -2.54
CA THR A 238 -24.69 -22.15 -3.44
C THR A 238 -23.19 -22.45 -3.20
N ALA A 239 -22.50 -21.55 -2.48
CA ALA A 239 -21.08 -21.65 -2.17
C ALA A 239 -20.22 -21.42 -3.46
N VAL A 240 -20.83 -20.76 -4.47
CA VAL A 240 -20.20 -20.42 -5.75
C VAL A 240 -19.35 -19.18 -5.58
N LEU A 241 -18.11 -19.26 -6.06
CA LEU A 241 -17.20 -18.13 -6.04
C LEU A 241 -17.05 -17.65 -7.48
N LYS A 242 -17.07 -16.33 -7.66
CA LYS A 242 -16.88 -15.71 -8.94
C LYS A 242 -15.84 -14.60 -8.85
N LEU A 243 -14.76 -14.72 -9.64
CA LEU A 243 -13.71 -13.70 -9.76
C LEU A 243 -14.30 -12.52 -10.51
N CYS A 244 -13.92 -11.31 -10.09
CA CYS A 244 -14.37 -10.07 -10.72
C CYS A 244 -13.26 -9.04 -10.77
N ASP A 245 -13.55 -7.89 -11.38
CA ASP A 245 -12.65 -6.78 -11.59
C ASP A 245 -11.49 -7.13 -12.53
N PHE A 246 -11.73 -6.94 -13.84
CA PHE A 246 -10.75 -7.19 -14.90
C PHE A 246 -10.07 -5.91 -15.39
N GLY A 247 -10.19 -4.86 -14.56
CA GLY A 247 -9.63 -3.53 -14.79
C GLY A 247 -8.12 -3.49 -14.82
N SER A 248 -7.45 -4.45 -14.18
CA SER A 248 -5.98 -4.55 -14.12
C SER A 248 -5.48 -5.71 -14.96
N ALA A 249 -6.42 -6.53 -15.51
CA ALA A 249 -6.11 -7.74 -16.29
C ALA A 249 -5.39 -7.43 -17.55
N LYS A 250 -4.39 -8.27 -17.87
CA LYS A 250 -3.59 -8.10 -19.09
C LYS A 250 -3.07 -9.40 -19.64
N GLN A 251 -3.02 -9.49 -20.98
CA GLN A 251 -2.40 -10.61 -21.66
C GLN A 251 -0.88 -10.37 -21.56
N LEU A 252 -0.16 -11.26 -20.89
CA LEU A 252 1.26 -11.14 -20.70
C LEU A 252 2.02 -11.90 -21.79
N VAL A 253 2.73 -11.16 -22.66
CA VAL A 253 3.53 -11.72 -23.74
C VAL A 253 5.01 -11.71 -23.35
N ARG A 254 5.67 -12.90 -23.36
CA ARG A 254 7.09 -13.02 -23.01
C ARG A 254 7.94 -12.02 -23.83
N GLY A 255 8.82 -11.31 -23.15
CA GLY A 255 9.67 -10.30 -23.76
C GLY A 255 9.05 -8.92 -23.77
N GLU A 256 7.72 -8.83 -23.65
CA GLU A 256 7.06 -7.52 -23.57
C GLU A 256 7.06 -7.08 -22.09
N PRO A 257 7.52 -5.84 -21.76
CA PRO A 257 7.54 -5.41 -20.35
C PRO A 257 6.19 -4.90 -19.84
N ASN A 258 5.96 -5.08 -18.52
CA ASN A 258 4.71 -4.70 -17.86
C ASN A 258 4.93 -3.87 -16.60
N VAL A 259 3.98 -2.94 -16.32
CA VAL A 259 4.01 -2.10 -15.12
C VAL A 259 4.06 -2.94 -13.84
N SER A 260 4.88 -2.52 -12.86
CA SER A 260 5.02 -3.27 -11.61
C SER A 260 4.14 -2.72 -10.49
N TYR A 261 3.39 -1.63 -10.77
CA TYR A 261 2.54 -0.93 -9.80
C TYR A 261 1.11 -1.44 -9.71
N ILE A 262 0.88 -2.62 -10.27
CA ILE A 262 -0.41 -3.29 -10.23
C ILE A 262 -0.43 -4.12 -8.95
N CYS A 263 -1.62 -4.62 -8.57
CA CYS A 263 -1.80 -5.51 -7.42
C CYS A 263 -1.78 -4.80 -6.09
N SER A 264 -2.81 -5.08 -5.31
CA SER A 264 -3.09 -4.48 -4.01
C SER A 264 -2.23 -4.95 -2.89
N ARG A 265 -1.90 -4.00 -2.00
CA ARG A 265 -1.06 -4.21 -0.81
C ARG A 265 -1.52 -5.41 0.01
N TYR A 266 -0.56 -6.28 0.40
CA TYR A 266 -0.68 -7.54 1.15
C TYR A 266 -0.62 -8.73 0.21
N TYR A 267 -1.10 -8.56 -1.03
CA TYR A 267 -1.24 -9.59 -2.06
C TYR A 267 -0.19 -9.59 -3.18
N ARG A 268 0.69 -8.58 -3.18
CA ARG A 268 1.73 -8.39 -4.19
C ARG A 268 2.86 -9.36 -4.03
N ALA A 269 3.21 -10.06 -5.13
CA ALA A 269 4.32 -11.01 -5.23
C ALA A 269 5.64 -10.29 -4.96
N PRO A 270 6.67 -10.94 -4.36
CA PRO A 270 7.93 -10.20 -4.11
C PRO A 270 8.53 -9.53 -5.35
N GLU A 271 8.50 -10.17 -6.52
CA GLU A 271 8.96 -9.61 -7.82
C GLU A 271 8.34 -8.25 -8.08
N LEU A 272 7.05 -8.07 -7.70
CA LEU A 272 6.34 -6.81 -7.88
C LEU A 272 6.92 -5.74 -6.96
N ILE A 273 7.16 -6.11 -5.67
CA ILE A 273 7.75 -5.24 -4.66
C ILE A 273 9.14 -4.77 -5.15
N PHE A 274 9.96 -5.70 -5.69
CA PHE A 274 11.28 -5.41 -6.24
C PHE A 274 11.25 -4.65 -7.58
N GLY A 275 10.06 -4.34 -8.08
CA GLY A 275 9.89 -3.57 -9.31
C GLY A 275 10.17 -4.31 -10.60
N ALA A 276 9.99 -5.66 -10.63
CA ALA A 276 10.17 -6.43 -11.86
C ALA A 276 9.09 -6.08 -12.88
N THR A 277 9.47 -6.04 -14.16
CA THR A 277 8.59 -5.71 -15.30
C THR A 277 8.48 -6.92 -16.25
N ASP A 278 9.21 -8.01 -15.91
CA ASP A 278 9.31 -9.26 -16.65
C ASP A 278 8.58 -10.42 -15.92
N TYR A 279 7.67 -10.07 -15.00
CA TYR A 279 6.91 -11.04 -14.20
C TYR A 279 5.91 -11.80 -15.08
N THR A 280 5.49 -13.00 -14.60
CA THR A 280 4.52 -13.85 -15.29
C THR A 280 3.19 -13.94 -14.53
N SER A 281 2.29 -14.82 -15.00
CA SER A 281 0.99 -15.09 -14.38
C SER A 281 1.12 -15.69 -12.94
N SER A 282 2.35 -16.08 -12.55
CA SER A 282 2.61 -16.64 -11.24
C SER A 282 2.40 -15.60 -10.14
N ILE A 283 2.21 -14.31 -10.50
CA ILE A 283 1.93 -13.25 -9.55
C ILE A 283 0.52 -13.48 -8.92
N ASP A 284 -0.43 -14.03 -9.73
CA ASP A 284 -1.79 -14.36 -9.34
C ASP A 284 -1.82 -15.51 -8.37
N VAL A 285 -0.89 -16.48 -8.56
CA VAL A 285 -0.70 -17.67 -7.72
C VAL A 285 -0.15 -17.24 -6.38
N TRP A 286 0.78 -16.26 -6.36
CA TRP A 286 1.28 -15.69 -5.08
C TRP A 286 0.11 -15.06 -4.33
N SER A 287 -0.63 -14.17 -5.01
CA SER A 287 -1.80 -13.48 -4.49
C SER A 287 -2.84 -14.48 -3.96
N ALA A 288 -3.08 -15.58 -4.70
CA ALA A 288 -4.02 -16.61 -4.31
C ALA A 288 -3.59 -17.29 -3.01
N GLY A 289 -2.29 -17.52 -2.86
CA GLY A 289 -1.71 -18.09 -1.65
C GLY A 289 -1.86 -17.21 -0.43
N CYS A 290 -1.74 -15.87 -0.61
CA CYS A 290 -1.93 -14.83 0.42
C CYS A 290 -3.38 -14.87 0.90
N VAL A 291 -4.35 -15.17 -0.02
CA VAL A 291 -5.78 -15.28 0.32
C VAL A 291 -5.98 -16.53 1.17
N LEU A 292 -5.37 -17.66 0.78
CA LEU A 292 -5.47 -18.92 1.51
C LEU A 292 -4.98 -18.80 2.95
N ALA A 293 -3.78 -18.26 3.11
CA ALA A 293 -3.13 -18.06 4.39
C ALA A 293 -3.96 -17.13 5.30
N GLU A 294 -4.65 -16.12 4.73
CA GLU A 294 -5.49 -15.14 5.44
C GLU A 294 -6.75 -15.78 5.93
N LEU A 295 -7.33 -16.67 5.11
CA LEU A 295 -8.57 -17.40 5.44
C LEU A 295 -8.29 -18.39 6.57
N LEU A 296 -7.05 -18.94 6.58
CA LEU A 296 -6.56 -19.87 7.61
C LEU A 296 -6.17 -19.16 8.89
N LEU A 297 -5.47 -18.00 8.80
CA LEU A 297 -5.03 -17.22 9.97
C LEU A 297 -6.11 -16.37 10.59
N GLY A 298 -6.95 -15.74 9.77
CA GLY A 298 -7.98 -14.79 10.22
C GLY A 298 -7.52 -13.35 10.09
N GLN A 299 -6.32 -13.14 9.51
CA GLN A 299 -5.71 -11.83 9.26
C GLN A 299 -4.70 -11.96 8.12
N PRO A 300 -4.32 -10.86 7.40
CA PRO A 300 -3.32 -11.00 6.33
C PRO A 300 -1.98 -11.58 6.80
N ILE A 301 -1.41 -12.46 6.00
CA ILE A 301 -0.14 -13.09 6.32
C ILE A 301 1.03 -12.13 6.19
N PHE A 302 1.05 -11.25 5.16
CA PHE A 302 2.17 -10.32 4.94
C PHE A 302 1.76 -8.85 4.96
N PRO A 303 1.33 -8.31 6.13
CA PRO A 303 0.92 -6.88 6.15
C PRO A 303 2.08 -5.90 6.11
N GLY A 304 1.74 -4.63 5.96
CA GLY A 304 2.72 -3.56 5.92
C GLY A 304 2.24 -2.43 5.05
N ASP A 305 2.55 -1.20 5.44
CA ASP A 305 2.14 -0.05 4.64
C ASP A 305 3.16 0.39 3.60
N SER A 306 4.34 -0.28 3.61
CA SER A 306 5.41 -0.05 2.65
C SER A 306 5.92 -1.40 2.17
N GLY A 307 6.60 -1.41 1.02
CA GLY A 307 7.19 -2.62 0.47
C GLY A 307 8.16 -3.26 1.44
N VAL A 308 8.94 -2.40 2.10
CA VAL A 308 9.93 -2.71 3.13
C VAL A 308 9.29 -3.58 4.24
N ASP A 309 8.18 -3.09 4.86
CA ASP A 309 7.48 -3.81 5.93
C ASP A 309 6.91 -5.14 5.48
N GLN A 310 6.39 -5.17 4.23
CA GLN A 310 5.83 -6.35 3.59
C GLN A 310 6.92 -7.39 3.41
N LEU A 311 8.10 -6.98 2.88
CA LEU A 311 9.28 -7.84 2.67
C LEU A 311 9.79 -8.46 3.98
N VAL A 312 9.78 -7.70 5.10
CA VAL A 312 10.19 -8.18 6.42
C VAL A 312 9.27 -9.32 6.85
N GLU A 313 7.96 -9.17 6.65
CA GLU A 313 6.93 -10.18 6.96
C GLU A 313 7.09 -11.44 6.14
N ILE A 314 7.46 -11.30 4.85
CA ILE A 314 7.74 -12.42 3.93
C ILE A 314 8.98 -13.15 4.41
N ILE A 315 10.11 -12.42 4.62
CA ILE A 315 11.38 -12.95 5.15
C ILE A 315 11.20 -13.67 6.49
N LYS A 316 10.36 -13.14 7.41
CA LYS A 316 10.06 -13.78 8.69
C LYS A 316 9.50 -15.21 8.52
N VAL A 317 8.61 -15.41 7.50
CA VAL A 317 7.95 -16.69 7.20
C VAL A 317 8.77 -17.59 6.28
N LEU A 318 9.27 -17.06 5.15
CA LEU A 318 10.01 -17.81 4.11
C LEU A 318 11.53 -17.86 4.30
N GLY A 319 12.05 -17.18 5.31
CA GLY A 319 13.50 -17.09 5.49
C GLY A 319 14.07 -16.07 4.53
N THR A 320 15.37 -15.77 4.64
CA THR A 320 16.03 -14.78 3.78
C THR A 320 16.16 -15.34 2.34
N PRO A 321 15.81 -14.56 1.28
CA PRO A 321 15.93 -15.09 -0.08
C PRO A 321 17.40 -15.25 -0.48
N THR A 322 17.77 -16.41 -1.07
CA THR A 322 19.13 -16.67 -1.58
C THR A 322 19.39 -15.71 -2.75
N ARG A 323 20.66 -15.50 -3.12
CA ARG A 323 21.01 -14.57 -4.23
C ARG A 323 20.39 -15.02 -5.56
N GLU A 324 20.25 -16.36 -5.78
CA GLU A 324 19.59 -16.91 -6.96
C GLU A 324 18.06 -16.66 -6.91
N GLN A 325 17.44 -16.77 -5.70
CA GLN A 325 16.01 -16.50 -5.49
C GLN A 325 15.72 -15.03 -5.84
N ILE A 326 16.59 -14.09 -5.41
CA ILE A 326 16.49 -12.65 -5.69
C ILE A 326 16.66 -12.38 -7.18
N ARG A 327 17.66 -13.05 -7.81
CA ARG A 327 17.96 -12.95 -9.24
C ARG A 327 16.72 -13.29 -10.09
N GLU A 328 15.98 -14.37 -9.70
CA GLU A 328 14.75 -14.87 -10.35
C GLU A 328 13.58 -13.86 -10.35
N MET A 329 13.42 -13.11 -9.23
CA MET A 329 12.38 -12.08 -9.04
C MET A 329 12.75 -10.83 -9.86
N ASN A 330 13.71 -10.02 -9.38
CA ASN A 330 14.22 -8.85 -10.08
C ASN A 330 15.75 -8.86 -9.96
N PRO A 331 16.46 -8.92 -11.13
CA PRO A 331 17.94 -9.03 -11.11
C PRO A 331 18.72 -7.81 -10.59
N ASN A 332 18.28 -6.59 -10.94
CA ASN A 332 18.96 -5.34 -10.52
C ASN A 332 19.08 -5.09 -9.01
N TYR A 333 18.24 -5.80 -8.20
CA TYR A 333 18.20 -5.67 -6.74
C TYR A 333 19.03 -6.73 -5.99
N THR A 334 19.92 -7.47 -6.72
CA THR A 334 20.79 -8.54 -6.17
C THR A 334 21.82 -8.02 -5.13
N GLU A 335 22.23 -6.73 -5.26
CA GLU A 335 23.20 -6.04 -4.39
C GLU A 335 22.63 -5.60 -3.01
N PHE A 336 21.40 -5.03 -2.99
CA PHE A 336 20.70 -4.53 -1.80
C PHE A 336 20.45 -5.63 -0.76
N LYS A 337 21.03 -5.46 0.45
CA LYS A 337 20.99 -6.41 1.57
C LYS A 337 19.75 -6.34 2.48
N PHE A 338 19.36 -7.53 2.99
CA PHE A 338 18.20 -7.77 3.86
C PHE A 338 18.64 -8.39 5.20
N PRO A 339 17.83 -8.30 6.30
CA PRO A 339 18.24 -8.94 7.56
C PRO A 339 18.25 -10.47 7.46
N GLN A 340 19.13 -11.13 8.21
CA GLN A 340 19.26 -12.58 8.20
C GLN A 340 18.27 -13.27 9.14
N ILE A 341 17.16 -13.77 8.58
CA ILE A 341 16.12 -14.50 9.31
C ILE A 341 16.14 -15.95 8.83
N LYS A 342 16.19 -16.90 9.78
CA LYS A 342 16.19 -18.33 9.45
C LYS A 342 14.83 -18.74 8.91
N ALA A 343 14.84 -19.76 8.02
CA ALA A 343 13.64 -20.33 7.38
C ALA A 343 12.68 -20.83 8.45
N HIS A 344 11.60 -20.05 8.67
CA HIS A 344 10.58 -20.36 9.68
C HIS A 344 9.68 -21.52 9.22
N PRO A 345 9.40 -22.54 10.10
CA PRO A 345 8.54 -23.65 9.66
C PRO A 345 7.11 -23.19 9.54
N TRP A 346 6.54 -23.49 8.37
CA TRP A 346 5.19 -23.16 7.96
C TRP A 346 4.15 -23.72 8.96
N THR A 347 4.47 -24.82 9.68
CA THR A 347 3.62 -25.44 10.70
C THR A 347 3.49 -24.54 11.95
N LYS A 348 4.53 -23.72 12.23
CA LYS A 348 4.60 -22.74 13.35
C LYS A 348 3.85 -21.41 13.02
N VAL A 349 3.49 -21.19 11.75
CA VAL A 349 2.77 -20.02 11.23
C VAL A 349 1.28 -20.03 11.57
N PHE A 350 0.59 -21.18 11.37
CA PHE A 350 -0.87 -21.33 11.59
C PHE A 350 -1.18 -21.97 12.94
N ARG A 351 -2.46 -21.86 13.37
CA ARG A 351 -2.95 -22.46 14.62
C ARG A 351 -2.73 -24.01 14.63
N PRO A 352 -2.72 -24.69 15.80
CA PRO A 352 -2.39 -26.13 15.79
C PRO A 352 -3.37 -27.09 15.11
N ARG A 353 -4.66 -26.71 15.01
CA ARG A 353 -5.66 -27.58 14.37
C ARG A 353 -5.83 -27.38 12.83
N THR A 354 -4.84 -26.71 12.19
CA THR A 354 -4.76 -26.44 10.76
C THR A 354 -4.38 -27.72 10.01
N PRO A 355 -5.14 -28.13 8.95
CA PRO A 355 -4.76 -29.35 8.22
C PRO A 355 -3.37 -29.30 7.57
N PRO A 356 -2.55 -30.36 7.70
CA PRO A 356 -1.21 -30.36 7.08
C PRO A 356 -1.19 -30.03 5.58
N GLU A 357 -2.28 -30.37 4.88
CA GLU A 357 -2.46 -30.18 3.43
C GLU A 357 -2.68 -28.70 3.10
N ALA A 358 -3.33 -27.93 4.03
CA ALA A 358 -3.54 -26.49 3.90
C ALA A 358 -2.20 -25.77 3.93
N ILE A 359 -1.32 -26.12 4.92
CA ILE A 359 0.03 -25.60 5.12
C ILE A 359 0.95 -25.96 3.92
N ALA A 360 0.92 -27.24 3.50
CA ALA A 360 1.67 -27.78 2.35
C ALA A 360 1.33 -26.98 1.06
N LEU A 361 0.02 -26.67 0.83
CA LEU A 361 -0.46 -25.84 -0.28
C LEU A 361 0.17 -24.44 -0.20
N CYS A 362 0.11 -23.77 0.98
CA CYS A 362 0.68 -22.44 1.19
C CYS A 362 2.14 -22.39 0.80
N SER A 363 2.93 -23.31 1.35
CA SER A 363 4.37 -23.39 1.11
C SER A 363 4.73 -23.54 -0.36
N ARG A 364 3.83 -24.16 -1.16
CA ARG A 364 4.02 -24.38 -2.59
C ARG A 364 3.49 -23.26 -3.47
N LEU A 365 2.61 -22.41 -2.91
CA LEU A 365 2.07 -21.23 -3.58
C LEU A 365 2.96 -20.04 -3.28
N LEU A 366 3.35 -19.88 -2.01
CA LEU A 366 4.16 -18.77 -1.52
C LEU A 366 5.67 -19.07 -1.58
N GLU A 367 6.20 -19.16 -2.81
CA GLU A 367 7.60 -19.42 -3.13
C GLU A 367 8.22 -18.14 -3.68
N TYR A 368 9.48 -17.83 -3.28
CA TYR A 368 10.22 -16.68 -3.84
C TYR A 368 10.37 -16.84 -5.36
N THR A 369 10.84 -18.02 -5.81
CA THR A 369 11.04 -18.30 -7.22
C THR A 369 9.71 -18.43 -7.96
N PRO A 370 9.36 -17.47 -8.85
CA PRO A 370 8.06 -17.57 -9.58
C PRO A 370 7.82 -18.90 -10.30
N THR A 371 8.87 -19.52 -10.84
CA THR A 371 8.79 -20.79 -11.58
C THR A 371 8.61 -22.00 -10.66
N ALA A 372 8.89 -21.85 -9.35
CA ALA A 372 8.74 -22.90 -8.35
C ALA A 372 7.32 -22.94 -7.77
N ARG A 373 6.49 -21.92 -8.03
CA ARG A 373 5.12 -21.88 -7.50
C ARG A 373 4.26 -22.85 -8.30
N LEU A 374 3.26 -23.50 -7.64
CA LEU A 374 2.30 -24.40 -8.30
C LEU A 374 1.58 -23.62 -9.38
N THR A 375 1.01 -24.31 -10.37
CA THR A 375 0.23 -23.58 -11.38
C THR A 375 -1.19 -23.64 -10.84
N PRO A 376 -2.15 -22.77 -11.27
CA PRO A 376 -3.52 -22.90 -10.74
C PRO A 376 -4.08 -24.33 -10.87
N LEU A 377 -3.91 -24.97 -12.05
CA LEU A 377 -4.39 -26.32 -12.34
C LEU A 377 -3.75 -27.39 -11.48
N GLU A 378 -2.46 -27.22 -11.13
CA GLU A 378 -1.76 -28.15 -10.23
C GLU A 378 -2.24 -28.00 -8.79
N ALA A 379 -2.69 -26.78 -8.41
CA ALA A 379 -3.19 -26.44 -7.08
C ALA A 379 -4.61 -27.04 -6.89
N CYS A 380 -5.45 -27.05 -7.95
CA CYS A 380 -6.76 -27.70 -7.94
C CYS A 380 -6.63 -29.18 -7.60
N ALA A 381 -5.56 -29.83 -8.12
CA ALA A 381 -5.25 -31.28 -7.98
C ALA A 381 -4.55 -31.65 -6.64
N HIS A 382 -4.21 -30.64 -5.81
CA HIS A 382 -3.54 -30.81 -4.52
C HIS A 382 -4.43 -31.59 -3.54
N SER A 383 -3.81 -32.32 -2.61
CA SER A 383 -4.49 -33.12 -1.59
C SER A 383 -5.46 -32.33 -0.71
N PHE A 384 -5.22 -31.02 -0.54
CA PHE A 384 -6.08 -30.14 0.26
C PHE A 384 -7.52 -30.11 -0.27
N PHE A 385 -7.69 -30.25 -1.60
CA PHE A 385 -9.00 -30.23 -2.26
C PHE A 385 -9.65 -31.60 -2.42
N ASP A 386 -9.01 -32.68 -1.90
CA ASP A 386 -9.53 -34.04 -2.00
C ASP A 386 -10.94 -34.19 -1.47
N GLU A 387 -11.26 -33.57 -0.33
CA GLU A 387 -12.60 -33.61 0.27
C GLU A 387 -13.69 -33.18 -0.76
N LEU A 388 -13.36 -32.20 -1.64
CA LEU A 388 -14.30 -31.74 -2.67
C LEU A 388 -14.56 -32.83 -3.71
N ARG A 389 -13.57 -33.70 -3.93
CA ARG A 389 -13.64 -34.81 -4.88
C ARG A 389 -14.34 -36.07 -4.30
N ASP A 390 -14.75 -36.03 -3.02
CA ASP A 390 -15.49 -37.09 -2.35
C ASP A 390 -16.92 -37.10 -2.92
N PRO A 391 -17.48 -38.29 -3.26
CA PRO A 391 -18.85 -38.34 -3.81
C PRO A 391 -19.94 -37.98 -2.82
N ASN A 392 -19.63 -38.06 -1.50
CA ASN A 392 -20.58 -37.77 -0.39
C ASN A 392 -20.44 -36.37 0.23
N VAL A 393 -19.53 -35.52 -0.28
CA VAL A 393 -19.39 -34.17 0.25
C VAL A 393 -20.68 -33.40 -0.02
N LYS A 394 -21.06 -32.62 0.95
CA LYS A 394 -22.23 -31.78 0.93
C LYS A 394 -21.87 -30.47 1.65
N LEU A 395 -22.60 -29.42 1.33
CA LEU A 395 -22.44 -28.13 1.99
C LEU A 395 -23.02 -28.21 3.43
N PRO A 396 -22.56 -27.34 4.35
CA PRO A 396 -23.09 -27.32 5.74
C PRO A 396 -24.59 -27.06 5.89
N ASN A 397 -25.19 -26.44 4.87
CA ASN A 397 -26.60 -26.07 4.79
C ASN A 397 -27.46 -27.17 4.17
N GLY A 398 -26.85 -28.33 3.93
CA GLY A 398 -27.48 -29.52 3.37
C GLY A 398 -27.53 -29.60 1.86
N ARG A 399 -27.24 -28.48 1.17
CA ARG A 399 -27.22 -28.39 -0.29
C ARG A 399 -26.03 -29.14 -0.90
N ASP A 400 -26.11 -29.41 -2.21
CA ASP A 400 -25.03 -30.04 -2.96
C ASP A 400 -23.93 -29.01 -3.23
N THR A 401 -22.67 -29.47 -3.38
CA THR A 401 -21.58 -28.57 -3.74
C THR A 401 -21.86 -28.02 -5.17
N PRO A 402 -21.39 -26.82 -5.55
CA PRO A 402 -21.66 -26.36 -6.92
C PRO A 402 -20.86 -27.13 -7.99
N ALA A 403 -20.94 -26.73 -9.27
CA ALA A 403 -20.14 -27.31 -10.37
C ALA A 403 -18.67 -27.24 -9.97
N LEU A 404 -17.96 -28.37 -10.09
CA LEU A 404 -16.55 -28.42 -9.68
C LEU A 404 -15.68 -29.18 -10.64
N PHE A 405 -16.30 -29.99 -11.50
CA PHE A 405 -15.58 -30.90 -12.40
C PHE A 405 -15.84 -30.70 -13.89
N ASN A 406 -16.62 -29.69 -14.26
CA ASN A 406 -16.91 -29.41 -15.67
C ASN A 406 -15.73 -28.73 -16.39
N PHE A 407 -14.54 -29.34 -16.30
CA PHE A 407 -13.35 -28.81 -16.98
C PHE A 407 -13.47 -28.94 -18.51
N THR A 408 -12.98 -27.92 -19.25
CA THR A 408 -12.91 -27.94 -20.71
C THR A 408 -11.46 -28.26 -21.12
N THR A 409 -11.22 -28.53 -22.42
CA THR A 409 -9.88 -28.77 -22.97
C THR A 409 -9.05 -27.46 -22.77
N GLN A 410 -9.69 -26.29 -22.96
CA GLN A 410 -9.05 -24.99 -22.76
C GLN A 410 -8.48 -24.92 -21.34
N GLU A 411 -9.34 -25.18 -20.34
CA GLU A 411 -9.06 -25.16 -18.91
C GLU A 411 -7.98 -26.15 -18.50
N LEU A 412 -7.90 -27.32 -19.19
CA LEU A 412 -6.94 -28.40 -18.92
C LEU A 412 -5.63 -28.33 -19.70
N SER A 413 -5.55 -27.45 -20.73
CA SER A 413 -4.42 -27.27 -21.67
C SER A 413 -2.98 -27.22 -21.10
N SER A 414 -2.77 -26.58 -19.96
CA SER A 414 -1.45 -26.50 -19.33
C SER A 414 -0.90 -27.89 -18.93
N ASN A 415 -1.79 -28.85 -18.61
CA ASN A 415 -1.39 -30.20 -18.19
C ASN A 415 -2.57 -31.18 -18.36
N PRO A 416 -2.95 -31.57 -19.63
CA PRO A 416 -4.09 -32.51 -19.83
C PRO A 416 -4.11 -33.76 -18.92
N PRO A 417 -2.97 -34.46 -18.63
CA PRO A 417 -3.04 -35.62 -17.70
C PRO A 417 -3.56 -35.35 -16.30
N LEU A 418 -3.74 -34.07 -15.91
CA LEU A 418 -4.22 -33.77 -14.56
C LEU A 418 -5.68 -34.15 -14.34
N ALA A 419 -6.46 -34.28 -15.44
CA ALA A 419 -7.88 -34.68 -15.48
C ALA A 419 -8.13 -36.01 -14.78
N THR A 420 -7.10 -36.86 -14.67
CA THR A 420 -7.22 -38.17 -13.98
C THR A 420 -7.50 -37.98 -12.49
N ILE A 421 -6.99 -36.87 -11.92
CA ILE A 421 -7.20 -36.46 -10.53
C ILE A 421 -8.36 -35.51 -10.51
N LEU A 422 -8.34 -34.48 -11.38
CA LEU A 422 -9.34 -33.42 -11.43
C LEU A 422 -10.78 -33.86 -11.55
N ILE A 423 -11.08 -34.75 -12.48
CA ILE A 423 -12.43 -35.30 -12.68
C ILE A 423 -12.50 -36.66 -11.95
N PRO A 424 -13.17 -36.71 -10.77
CA PRO A 424 -13.23 -37.97 -10.01
C PRO A 424 -14.19 -39.00 -10.65
N PRO A 425 -14.05 -40.33 -10.35
CA PRO A 425 -14.91 -41.34 -11.00
C PRO A 425 -16.38 -41.04 -11.10
N HIS A 426 -16.99 -40.55 -10.00
CA HIS A 426 -18.43 -40.25 -9.94
C HIS A 426 -18.89 -39.02 -10.79
N ALA A 427 -17.95 -38.15 -11.22
CA ALA A 427 -18.26 -36.94 -11.97
C ALA A 427 -18.99 -37.00 -13.31
N ARG A 428 -20.06 -36.19 -13.39
CA ARG A 428 -21.03 -36.02 -14.48
C ARG A 428 -21.00 -37.02 -15.65
N ILE A 429 -21.94 -37.99 -15.62
CA ILE A 429 -22.10 -38.99 -16.67
C ILE A 429 -23.57 -38.92 -17.17
N GLN A 430 -24.43 -39.67 -16.67
N SER B 80 9.41 1.78 40.82
CA SER B 80 9.14 0.51 40.13
C SER B 80 10.46 -0.28 39.87
N LYS B 81 10.44 -1.28 38.94
CA LYS B 81 11.58 -2.13 38.53
C LYS B 81 12.56 -1.25 37.77
N VAL B 82 13.66 -0.86 38.46
CA VAL B 82 14.70 0.04 37.97
C VAL B 82 15.76 -0.70 37.14
N THR B 83 15.96 -0.24 35.89
CA THR B 83 16.97 -0.79 34.99
C THR B 83 18.12 0.19 34.93
N THR B 84 19.35 -0.28 35.24
CA THR B 84 20.56 0.54 35.15
C THR B 84 21.44 -0.03 34.06
N VAL B 85 21.81 0.83 33.10
CA VAL B 85 22.62 0.49 31.94
C VAL B 85 23.78 1.47 31.78
N VAL B 86 24.84 1.04 31.09
CA VAL B 86 25.96 1.92 30.79
C VAL B 86 25.80 2.22 29.30
N ALA B 87 25.35 3.44 29.00
CA ALA B 87 25.06 3.88 27.65
C ALA B 87 26.04 4.91 27.17
N THR B 88 26.25 4.96 25.85
CA THR B 88 27.09 5.95 25.20
C THR B 88 26.22 7.12 24.79
N PRO B 89 26.61 8.39 25.08
CA PRO B 89 25.79 9.52 24.63
C PRO B 89 25.75 9.59 23.09
N GLY B 90 24.58 9.94 22.56
CA GLY B 90 24.30 10.01 21.13
C GLY B 90 25.28 10.82 20.33
N GLN B 91 25.54 12.05 20.79
CA GLN B 91 26.48 12.95 20.13
C GLN B 91 27.59 13.33 21.12
N GLY B 92 28.68 13.85 20.58
CA GLY B 92 29.77 14.34 21.39
C GLY B 92 30.80 13.29 21.76
N PRO B 93 31.41 13.43 22.95
CA PRO B 93 32.48 12.49 23.34
C PRO B 93 31.95 11.13 23.73
N ASP B 94 32.63 10.05 23.26
CA ASP B 94 32.31 8.66 23.56
C ASP B 94 32.70 8.35 25.01
N ARG B 95 31.96 8.93 25.96
CA ARG B 95 32.20 8.81 27.38
C ARG B 95 30.95 8.18 28.03
N PRO B 96 30.90 6.83 28.10
CA PRO B 96 29.71 6.15 28.65
C PRO B 96 29.24 6.63 30.03
N GLN B 97 27.90 6.59 30.24
CA GLN B 97 27.22 7.07 31.44
C GLN B 97 26.23 6.04 31.96
N GLU B 98 26.08 5.94 33.29
CA GLU B 98 25.09 5.07 33.91
C GLU B 98 23.76 5.75 33.76
N VAL B 99 22.85 5.06 33.07
CA VAL B 99 21.50 5.54 32.80
C VAL B 99 20.54 4.59 33.48
N SER B 100 19.75 5.14 34.41
CA SER B 100 18.76 4.41 35.19
C SER B 100 17.37 4.86 34.79
N TYR B 101 16.52 3.88 34.48
CA TYR B 101 15.15 4.15 34.05
C TYR B 101 14.15 3.16 34.61
N THR B 102 12.92 3.62 34.78
CA THR B 102 11.82 2.82 35.28
C THR B 102 10.54 3.04 34.44
N ASP B 103 9.43 2.37 34.83
CA ASP B 103 8.10 2.46 34.20
C ASP B 103 8.13 2.10 32.71
N THR B 104 8.79 0.99 32.39
CA THR B 104 8.90 0.52 31.02
C THR B 104 7.61 -0.08 30.48
N LYS B 105 6.91 0.72 29.66
CA LYS B 105 5.68 0.37 28.96
C LYS B 105 5.98 0.32 27.46
N VAL B 106 5.23 -0.48 26.68
CA VAL B 106 5.38 -0.55 25.23
C VAL B 106 4.51 0.50 24.53
N ILE B 107 5.08 1.24 23.56
CA ILE B 107 4.33 2.27 22.85
C ILE B 107 4.15 1.99 21.36
N GLY B 108 4.90 1.02 20.84
CA GLY B 108 4.86 0.59 19.45
C GLY B 108 5.52 -0.75 19.20
N ASN B 109 5.01 -1.45 18.18
CA ASN B 109 5.52 -2.72 17.64
C ASN B 109 5.50 -2.54 16.14
N GLY B 110 6.38 -3.25 15.46
CA GLY B 110 6.45 -3.19 14.01
C GLY B 110 7.46 -4.15 13.44
N SER B 111 7.69 -4.02 12.14
CA SER B 111 8.66 -4.85 11.42
C SER B 111 10.05 -4.68 12.06
N PHE B 112 10.46 -3.41 12.30
CA PHE B 112 11.73 -2.99 12.92
C PHE B 112 12.08 -3.64 14.27
N GLY B 113 11.09 -3.71 15.15
CA GLY B 113 11.23 -4.20 16.52
C GLY B 113 10.18 -3.59 17.41
N VAL B 114 10.59 -3.11 18.60
CA VAL B 114 9.71 -2.52 19.62
C VAL B 114 10.19 -1.12 20.06
N VAL B 115 9.24 -0.22 20.36
CA VAL B 115 9.49 1.11 20.93
C VAL B 115 8.84 1.12 22.32
N TYR B 116 9.62 1.44 23.36
CA TYR B 116 9.15 1.49 24.73
C TYR B 116 9.15 2.94 25.17
N GLN B 117 8.45 3.22 26.27
CA GLN B 117 8.45 4.51 26.95
C GLN B 117 8.98 4.12 28.32
N ALA B 118 9.80 4.99 28.90
CA ALA B 118 10.40 4.78 30.20
C ALA B 118 10.63 6.13 30.80
N LYS B 119 10.78 6.17 32.12
CA LYS B 119 10.98 7.38 32.90
C LYS B 119 12.40 7.34 33.46
N LEU B 120 13.22 8.37 33.14
CA LEU B 120 14.60 8.50 33.64
C LEU B 120 14.48 8.76 35.15
N CYS B 121 14.90 7.76 35.96
CA CYS B 121 14.89 7.74 37.43
C CYS B 121 15.36 9.06 37.98
N ASP B 122 16.50 9.51 37.46
CA ASP B 122 17.22 10.74 37.75
C ASP B 122 16.31 11.99 37.66
N SER B 123 16.06 12.46 36.43
CA SER B 123 15.30 13.65 36.08
C SER B 123 13.79 13.54 36.21
N GLY B 124 13.23 12.32 36.12
CA GLY B 124 11.79 12.09 36.13
C GLY B 124 11.23 12.21 34.72
N GLU B 125 12.13 12.58 33.76
CA GLU B 125 11.94 12.80 32.32
C GLU B 125 11.54 11.55 31.59
N LEU B 126 10.71 11.72 30.55
CA LEU B 126 10.26 10.60 29.75
C LEU B 126 11.10 10.48 28.50
N VAL B 127 11.44 9.23 28.16
CA VAL B 127 12.25 8.91 27.00
C VAL B 127 11.59 7.76 26.25
N ALA B 128 12.01 7.56 24.98
CA ALA B 128 11.57 6.43 24.19
C ALA B 128 12.81 5.57 23.94
N ILE B 129 12.66 4.25 24.01
CA ILE B 129 13.73 3.31 23.76
C ILE B 129 13.30 2.49 22.56
N LYS B 130 13.98 2.66 21.41
CA LYS B 130 13.74 1.91 20.19
C LYS B 130 14.71 0.73 20.22
N LYS B 131 14.20 -0.50 20.38
CA LYS B 131 14.97 -1.73 20.48
C LYS B 131 14.86 -2.53 19.19
N VAL B 132 15.93 -2.52 18.43
CA VAL B 132 16.05 -3.25 17.18
C VAL B 132 17.08 -4.37 17.35
N LEU B 133 17.15 -5.30 16.41
CA LEU B 133 18.05 -6.45 16.49
C LEU B 133 19.39 -6.11 15.84
N GLN B 134 20.51 -6.42 16.54
CA GLN B 134 21.87 -6.16 16.06
C GLN B 134 22.26 -7.17 15.00
N ASP B 135 22.41 -6.68 13.75
CA ASP B 135 22.85 -7.46 12.60
C ASP B 135 24.38 -7.64 12.74
N LYS B 136 24.80 -8.90 12.95
CA LYS B 136 26.19 -9.32 13.18
C LYS B 136 27.16 -8.95 12.05
N ARG B 137 26.64 -8.84 10.80
CA ARG B 137 27.37 -8.51 9.57
C ARG B 137 27.86 -7.05 9.49
N PHE B 138 26.99 -6.08 9.86
CA PHE B 138 27.33 -4.64 9.74
C PHE B 138 26.71 -3.74 10.80
N LYS B 139 27.32 -2.54 10.97
CA LYS B 139 26.92 -1.46 11.88
C LYS B 139 25.50 -1.00 11.49
N ASN B 140 24.69 -0.61 12.50
CA ASN B 140 23.33 -0.15 12.28
C ASN B 140 23.30 1.20 11.55
N ARG B 141 22.63 1.24 10.39
CA ARG B 141 22.52 2.44 9.53
C ARG B 141 21.75 3.57 10.23
N GLU B 142 20.68 3.22 10.96
CA GLU B 142 19.88 4.21 11.67
C GLU B 142 20.71 4.88 12.76
N LEU B 143 21.50 4.09 13.53
CA LEU B 143 22.36 4.59 14.62
C LEU B 143 23.37 5.58 14.08
N GLN B 144 24.03 5.25 12.95
CA GLN B 144 25.02 6.11 12.32
C GLN B 144 24.45 7.42 11.90
N ILE B 145 23.21 7.41 11.41
CA ILE B 145 22.47 8.61 11.01
C ILE B 145 22.10 9.41 12.25
N MET B 146 21.47 8.78 13.24
CA MET B 146 21.05 9.45 14.49
C MET B 146 22.17 10.27 15.15
N ARG B 147 23.37 9.66 15.24
CA ARG B 147 24.61 10.19 15.80
C ARG B 147 25.05 11.50 15.18
N LYS B 148 24.84 11.70 13.85
CA LYS B 148 25.17 12.91 13.07
C LYS B 148 24.21 14.09 13.31
N LEU B 149 22.98 13.82 13.81
CA LEU B 149 21.91 14.82 13.87
C LEU B 149 21.64 15.47 15.21
N ASP B 150 21.38 16.79 15.19
CA ASP B 150 21.01 17.65 16.32
C ASP B 150 20.16 18.82 15.83
N HIS B 151 18.83 18.66 15.92
CA HIS B 151 17.86 19.65 15.46
C HIS B 151 16.65 19.63 16.38
N CYS B 152 16.05 20.78 16.56
CA CYS B 152 14.93 20.97 17.46
C CYS B 152 13.67 20.32 16.97
N ASN B 153 13.61 19.98 15.65
CA ASN B 153 12.47 19.35 15.01
C ASN B 153 12.72 17.91 14.62
N ILE B 154 13.69 17.27 15.28
CA ILE B 154 14.04 15.86 15.08
C ILE B 154 14.27 15.30 16.47
N VAL B 155 13.80 14.10 16.67
CA VAL B 155 13.90 13.36 17.91
C VAL B 155 15.38 13.07 18.15
N ARG B 156 15.89 13.52 19.28
CA ARG B 156 17.31 13.37 19.61
C ARG B 156 17.67 12.00 20.13
N LEU B 157 18.83 11.45 19.65
CA LEU B 157 19.40 10.21 20.18
C LEU B 157 20.17 10.64 21.43
N ARG B 158 19.63 10.34 22.61
CA ARG B 158 20.24 10.71 23.88
C ARG B 158 21.38 9.78 24.25
N TYR B 159 21.14 8.46 24.20
CA TYR B 159 22.08 7.40 24.49
C TYR B 159 21.77 6.25 23.57
N PHE B 160 22.67 5.28 23.56
CA PHE B 160 22.51 4.00 22.89
C PHE B 160 23.30 2.98 23.69
N PHE B 161 22.83 1.73 23.67
CA PHE B 161 23.45 0.63 24.38
C PHE B 161 23.01 -0.70 23.77
N TYR B 162 23.76 -1.79 24.11
CA TYR B 162 23.49 -3.14 23.65
C TYR B 162 22.93 -4.00 24.76
N SER B 163 21.94 -4.85 24.43
CA SER B 163 21.25 -5.68 25.42
C SER B 163 20.87 -7.11 25.00
N SER B 164 20.17 -7.84 25.91
CA SER B 164 19.72 -9.23 25.82
C SER B 164 18.59 -9.53 24.81
N GLY B 165 17.49 -8.76 24.89
CA GLY B 165 16.30 -8.90 24.04
C GLY B 165 15.39 -10.09 24.30
N GLU B 166 14.45 -10.33 23.35
CA GLU B 166 13.46 -11.43 23.35
C GLU B 166 14.10 -12.78 22.98
N LYS B 167 14.90 -12.79 21.90
CA LYS B 167 15.59 -13.98 21.40
C LYS B 167 16.91 -14.19 22.17
N LYS B 168 17.12 -15.43 22.69
CA LYS B 168 18.32 -15.82 23.41
C LYS B 168 19.51 -15.93 22.45
N ASP B 169 20.73 -15.62 22.96
CA ASP B 169 22.00 -15.62 22.20
C ASP B 169 22.04 -14.56 21.08
N GLU B 170 21.01 -13.67 21.04
CA GLU B 170 20.88 -12.57 20.07
C GLU B 170 21.10 -11.20 20.72
N VAL B 171 21.87 -10.33 20.03
CA VAL B 171 22.22 -8.99 20.48
C VAL B 171 21.20 -7.95 20.04
N TYR B 172 20.85 -7.02 20.93
CA TYR B 172 19.87 -5.98 20.61
C TYR B 172 20.43 -4.56 20.78
N LEU B 173 20.21 -3.69 19.77
CA LEU B 173 20.60 -2.29 19.86
C LEU B 173 19.43 -1.51 20.47
N ASN B 174 19.71 -0.68 21.47
CA ASN B 174 18.70 0.15 22.14
C ASN B 174 19.06 1.60 21.92
N LEU B 175 18.15 2.36 21.31
CA LEU B 175 18.32 3.78 21.04
C LEU B 175 17.47 4.56 22.01
N VAL B 176 18.10 5.30 22.95
CA VAL B 176 17.37 6.11 23.94
C VAL B 176 17.14 7.48 23.32
N LEU B 177 15.87 7.76 22.96
CA LEU B 177 15.43 8.96 22.24
C LEU B 177 14.54 9.87 23.08
N ASP B 178 14.29 11.06 22.54
CA ASP B 178 13.33 12.00 23.10
C ASP B 178 11.94 11.34 22.99
N TYR B 179 11.08 11.55 24.01
CA TYR B 179 9.70 11.06 23.97
C TYR B 179 8.82 12.28 23.66
N VAL B 180 8.01 12.19 22.61
CA VAL B 180 7.11 13.29 22.24
C VAL B 180 5.74 12.64 22.30
N PRO B 181 4.78 13.20 23.09
CA PRO B 181 3.56 12.45 23.41
C PRO B 181 2.54 12.09 22.35
N GLU B 182 2.38 12.94 21.34
CA GLU B 182 1.37 12.70 20.31
C GLU B 182 1.99 12.53 18.95
N THR B 183 1.18 12.14 17.96
CA THR B 183 1.56 12.02 16.56
C THR B 183 0.56 12.81 15.70
N VAL B 184 1.00 13.37 14.54
CA VAL B 184 0.10 14.08 13.63
C VAL B 184 -1.04 13.15 13.18
N TYR B 185 -0.80 11.82 13.15
CA TYR B 185 -1.78 10.80 12.74
C TYR B 185 -3.01 10.75 13.72
N ARG B 186 -2.75 10.68 15.02
CA ARG B 186 -3.75 10.62 16.08
C ARG B 186 -4.52 11.93 16.11
N VAL B 187 -3.80 13.07 16.02
CA VAL B 187 -4.36 14.41 16.03
C VAL B 187 -5.26 14.63 14.84
N ALA B 188 -4.76 14.42 13.62
CA ALA B 188 -5.58 14.54 12.42
C ALA B 188 -6.79 13.63 12.46
N ARG B 189 -6.66 12.42 13.08
CA ARG B 189 -7.73 11.43 13.22
C ARG B 189 -8.81 11.88 14.19
N HIS B 190 -8.46 12.59 15.30
CA HIS B 190 -9.45 13.16 16.21
C HIS B 190 -10.33 14.13 15.40
N TYR B 191 -9.70 15.04 14.68
CA TYR B 191 -10.41 16.02 13.87
C TYR B 191 -11.32 15.42 12.82
N SER B 192 -10.84 14.44 12.07
CA SER B 192 -11.59 13.74 11.04
C SER B 192 -12.89 13.07 11.63
N ARG B 193 -12.74 12.32 12.75
CA ARG B 193 -13.82 11.62 13.47
C ARG B 193 -14.85 12.60 13.97
N ALA B 194 -14.40 13.78 14.45
CA ALA B 194 -15.25 14.85 14.94
C ALA B 194 -15.79 15.72 13.80
N LYS B 195 -15.55 15.31 12.52
CA LYS B 195 -15.98 16.01 11.31
C LYS B 195 -15.43 17.49 11.20
N GLN B 196 -14.20 17.68 11.72
CA GLN B 196 -13.47 18.95 11.81
C GLN B 196 -12.12 18.91 11.07
N THR B 197 -11.55 20.09 10.75
CA THR B 197 -10.21 20.20 10.22
C THR B 197 -9.36 20.82 11.32
N LEU B 198 -8.06 20.54 11.27
CA LEU B 198 -7.10 21.07 12.21
C LEU B 198 -7.01 22.57 11.93
N PRO B 199 -7.12 23.46 12.95
CA PRO B 199 -6.99 24.89 12.67
C PRO B 199 -5.67 25.19 11.93
N VAL B 200 -5.78 25.94 10.81
CA VAL B 200 -4.71 26.39 9.91
C VAL B 200 -3.43 26.88 10.61
N ILE B 201 -3.53 27.48 11.80
CA ILE B 201 -2.34 27.91 12.54
C ILE B 201 -1.47 26.70 12.88
N TYR B 202 -2.11 25.58 13.26
CA TYR B 202 -1.42 24.34 13.57
C TYR B 202 -0.83 23.71 12.32
N VAL B 203 -1.55 23.77 11.19
CA VAL B 203 -1.09 23.29 9.90
C VAL B 203 0.23 24.05 9.52
N LYS B 204 0.26 25.40 9.71
CA LYS B 204 1.42 26.26 9.50
C LYS B 204 2.56 25.87 10.42
N LEU B 205 2.32 25.83 11.74
CA LEU B 205 3.34 25.45 12.72
C LEU B 205 3.95 24.08 12.48
N TYR B 206 3.10 23.06 12.24
CA TYR B 206 3.51 21.69 12.04
C TYR B 206 4.25 21.52 10.72
N MET B 207 3.72 22.06 9.64
CA MET B 207 4.37 22.00 8.34
C MET B 207 5.74 22.70 8.26
N TYR B 208 5.84 23.95 8.79
CA TYR B 208 7.09 24.72 8.81
C TYR B 208 8.21 23.94 9.52
N GLN B 209 7.89 23.41 10.70
CA GLN B 209 8.77 22.57 11.50
C GLN B 209 9.20 21.31 10.75
N LEU B 210 8.28 20.69 9.99
CA LEU B 210 8.60 19.50 9.20
C LEU B 210 9.62 19.86 8.13
N PHE B 211 9.42 20.95 7.41
CA PHE B 211 10.33 21.45 6.38
C PHE B 211 11.69 21.85 6.93
N ARG B 212 11.75 22.37 8.18
CA ARG B 212 13.02 22.70 8.82
C ARG B 212 13.78 21.41 9.07
N SER B 213 13.13 20.38 9.65
CA SER B 213 13.75 19.08 9.89
C SER B 213 14.27 18.46 8.58
N LEU B 214 13.51 18.62 7.45
CA LEU B 214 13.88 18.09 6.14
C LEU B 214 15.05 18.88 5.55
N ALA B 215 15.05 20.25 5.66
CA ALA B 215 16.14 21.14 5.23
C ALA B 215 17.46 20.71 5.90
N TYR B 216 17.38 20.39 7.20
CA TYR B 216 18.50 19.96 8.02
C TYR B 216 19.08 18.62 7.55
N ILE B 217 18.29 17.52 7.56
CA ILE B 217 18.76 16.18 7.13
C ILE B 217 19.23 16.16 5.68
N HIS B 218 18.51 16.85 4.78
CA HIS B 218 18.87 16.95 3.37
C HIS B 218 20.24 17.59 3.17
N SER B 219 20.62 18.55 4.04
CA SER B 219 21.90 19.23 3.97
C SER B 219 23.10 18.27 4.21
N PHE B 220 22.84 17.07 4.77
CA PHE B 220 23.83 16.02 5.01
C PHE B 220 23.74 14.94 3.91
N GLY B 221 22.83 15.17 2.95
CA GLY B 221 22.57 14.20 1.89
C GLY B 221 21.61 13.09 2.28
N ILE B 222 21.11 13.08 3.55
CA ILE B 222 20.17 12.10 4.13
C ILE B 222 18.70 12.39 3.75
N CYS B 223 18.01 11.33 3.22
CA CYS B 223 16.60 11.30 2.83
C CYS B 223 15.93 10.43 3.86
N HIS B 224 14.83 10.92 4.49
CA HIS B 224 14.09 10.16 5.50
C HIS B 224 13.50 8.89 4.86
N ARG B 225 12.84 9.06 3.70
CA ARG B 225 12.25 7.97 2.91
C ARG B 225 10.96 7.35 3.50
N ASP B 226 10.39 7.91 4.59
CA ASP B 226 9.14 7.44 5.17
C ASP B 226 8.37 8.57 5.86
N ILE B 227 8.18 9.70 5.15
CA ILE B 227 7.44 10.81 5.71
C ILE B 227 5.94 10.44 5.64
N LYS B 228 5.31 10.36 6.81
CA LYS B 228 3.90 9.99 7.00
C LYS B 228 3.45 10.56 8.36
N PRO B 229 2.15 10.90 8.56
CA PRO B 229 1.69 11.46 9.87
C PRO B 229 2.11 10.71 11.13
N GLN B 230 2.24 9.40 11.07
CA GLN B 230 2.68 8.52 12.17
C GLN B 230 4.14 8.78 12.66
N ASN B 231 4.96 9.40 11.78
CA ASN B 231 6.38 9.70 11.96
C ASN B 231 6.65 11.15 12.35
N LEU B 232 5.57 11.90 12.59
CA LEU B 232 5.59 13.31 12.96
C LEU B 232 4.98 13.38 14.31
N LEU B 233 5.81 13.58 15.31
CA LEU B 233 5.40 13.66 16.70
C LEU B 233 5.12 15.10 17.11
N LEU B 234 4.18 15.29 18.06
CA LEU B 234 3.79 16.63 18.53
C LEU B 234 3.74 16.71 20.04
N ASP B 235 4.08 17.87 20.58
CA ASP B 235 3.86 18.16 22.00
C ASP B 235 2.62 19.09 21.94
N PRO B 236 1.47 18.66 22.51
CA PRO B 236 0.25 19.47 22.35
C PRO B 236 0.27 20.85 23.00
N ASP B 237 1.13 21.05 24.01
CA ASP B 237 1.25 22.29 24.76
C ASP B 237 2.16 23.31 24.13
N THR B 238 3.34 22.85 23.67
CA THR B 238 4.34 23.71 23.05
C THR B 238 4.18 23.93 21.54
N ALA B 239 3.41 23.02 20.88
CA ALA B 239 3.15 23.02 19.44
C ALA B 239 4.45 22.63 18.66
N VAL B 240 5.37 21.95 19.35
CA VAL B 240 6.63 21.48 18.80
C VAL B 240 6.40 20.19 18.04
N LEU B 241 6.93 20.13 16.80
CA LEU B 241 6.87 18.92 16.01
C LEU B 241 8.26 18.33 15.96
N LYS B 242 8.33 17.01 16.09
CA LYS B 242 9.59 16.27 16.00
C LYS B 242 9.46 15.08 15.07
N LEU B 243 10.31 15.05 14.01
CA LEU B 243 10.38 13.96 13.06
C LEU B 243 11.01 12.77 13.76
N CYS B 244 10.52 11.55 13.44
CA CYS B 244 11.06 10.32 14.03
C CYS B 244 11.08 9.22 13.00
N ASP B 245 11.60 8.05 13.41
CA ASP B 245 11.76 6.84 12.63
C ASP B 245 12.75 7.03 11.48
N PHE B 246 14.04 6.77 11.77
CA PHE B 246 15.14 6.86 10.81
C PHE B 246 15.55 5.48 10.26
N GLY B 247 14.66 4.51 10.46
CA GLY B 247 14.81 3.12 10.00
C GLY B 247 14.90 2.97 8.50
N SER B 248 14.32 3.91 7.73
CA SER B 248 14.32 3.90 6.26
C SER B 248 15.25 4.94 5.68
N ALA B 249 15.82 5.80 6.57
CA ALA B 249 16.69 6.93 6.19
C ALA B 249 17.96 6.46 5.53
N LYS B 250 18.35 7.18 4.47
CA LYS B 250 19.58 6.87 3.74
C LYS B 250 20.25 8.08 3.13
N GLN B 251 21.59 8.03 3.08
CA GLN B 251 22.44 9.00 2.44
C GLN B 251 22.37 8.73 0.93
N LEU B 252 21.72 9.60 0.15
CA LEU B 252 21.56 9.42 -1.31
C LEU B 252 22.69 10.07 -2.10
N VAL B 253 23.51 9.23 -2.75
CA VAL B 253 24.66 9.65 -3.56
C VAL B 253 24.33 9.53 -5.04
N ARG B 254 24.46 10.63 -5.80
CA ARG B 254 24.19 10.66 -7.24
C ARG B 254 24.95 9.53 -7.97
N GLY B 255 24.24 8.79 -8.82
CA GLY B 255 24.80 7.65 -9.53
C GLY B 255 24.67 6.33 -8.79
N GLU B 256 24.51 6.38 -7.45
CA GLU B 256 24.32 5.16 -6.67
C GLU B 256 22.81 4.81 -6.70
N PRO B 257 22.42 3.55 -7.05
CA PRO B 257 20.99 3.21 -7.09
C PRO B 257 20.40 2.87 -5.71
N ASN B 258 19.08 3.15 -5.55
CA ASN B 258 18.36 2.90 -4.30
C ASN B 258 17.05 2.14 -4.50
N VAL B 259 16.67 1.31 -3.50
CA VAL B 259 15.41 0.55 -3.51
C VAL B 259 14.20 1.47 -3.68
N SER B 260 13.21 1.07 -4.50
CA SER B 260 12.03 1.89 -4.75
C SER B 260 10.84 1.49 -3.87
N TYR B 261 10.99 0.43 -3.03
CA TYR B 261 9.95 -0.11 -2.17
C TYR B 261 9.85 0.52 -0.78
N ILE B 262 10.54 1.65 -0.60
CA ILE B 262 10.49 2.42 0.63
C ILE B 262 9.27 3.37 0.52
N CYS B 263 8.90 4.00 1.65
CA CYS B 263 7.83 4.99 1.73
C CYS B 263 6.43 4.36 1.71
N SER B 264 5.64 4.77 2.70
CA SER B 264 4.32 4.26 2.96
C SER B 264 3.25 4.73 2.01
N ARG B 265 2.31 3.83 1.70
CA ARG B 265 1.16 4.06 0.82
C ARG B 265 0.41 5.34 1.15
N TYR B 266 0.11 6.14 0.12
CA TYR B 266 -0.53 7.48 0.14
C TYR B 266 0.49 8.59 0.01
N TYR B 267 1.71 8.36 0.55
CA TYR B 267 2.79 9.34 0.64
C TYR B 267 3.94 9.17 -0.36
N ARG B 268 3.91 8.11 -1.15
CA ARG B 268 4.92 7.78 -2.14
C ARG B 268 4.85 8.67 -3.37
N ALA B 269 6.01 9.25 -3.72
CA ALA B 269 6.22 10.11 -4.89
C ALA B 269 5.94 9.29 -6.17
N PRO B 270 5.42 9.89 -7.26
CA PRO B 270 5.16 9.08 -8.47
C PRO B 270 6.35 8.26 -8.97
N GLU B 271 7.59 8.81 -8.94
CA GLU B 271 8.84 8.12 -9.31
C GLU B 271 8.98 6.82 -8.58
N LEU B 272 8.55 6.78 -7.30
CA LEU B 272 8.63 5.57 -6.47
C LEU B 272 7.63 4.51 -7.00
N ILE B 273 6.38 4.95 -7.32
CA ILE B 273 5.33 4.11 -7.87
C ILE B 273 5.85 3.50 -9.19
N PHE B 274 6.47 4.33 -10.07
CA PHE B 274 7.04 3.87 -11.34
C PHE B 274 8.32 3.02 -11.19
N GLY B 275 8.75 2.77 -9.96
CA GLY B 275 9.91 1.94 -9.67
C GLY B 275 11.27 2.55 -9.98
N ALA B 276 11.39 3.91 -9.89
CA ALA B 276 12.68 4.58 -10.12
C ALA B 276 13.64 4.25 -8.98
N THR B 277 14.92 4.09 -9.31
CA THR B 277 16.00 3.75 -8.35
C THR B 277 17.03 4.89 -8.30
N ASP B 278 16.80 5.94 -9.12
CA ASP B 278 17.63 7.14 -9.30
C ASP B 278 16.95 8.40 -8.68
N TYR B 279 15.97 8.20 -7.81
CA TYR B 279 15.24 9.28 -7.15
C TYR B 279 16.14 10.06 -6.18
N THR B 280 15.73 11.32 -5.85
CA THR B 280 16.46 12.18 -4.93
C THR B 280 15.67 12.43 -3.63
N SER B 281 16.16 13.33 -2.79
CA SER B 281 15.52 13.75 -1.54
C SER B 281 14.15 14.45 -1.77
N SER B 282 13.84 14.79 -3.03
CA SER B 282 12.56 15.41 -3.40
C SER B 282 11.38 14.46 -3.14
N ILE B 283 11.65 13.18 -2.84
CA ILE B 283 10.62 12.20 -2.49
C ILE B 283 9.96 12.60 -1.14
N ASP B 284 10.77 13.15 -0.21
CA ASP B 284 10.37 13.62 1.13
C ASP B 284 9.49 14.85 1.02
N VAL B 285 9.77 15.73 0.03
CA VAL B 285 9.03 16.95 -0.30
C VAL B 285 7.69 16.57 -0.84
N TRP B 286 7.61 15.51 -1.70
CA TRP B 286 6.31 15.00 -2.21
C TRP B 286 5.50 14.52 -1.03
N SER B 287 6.08 13.65 -0.20
CA SER B 287 5.48 13.09 1.01
C SER B 287 4.99 14.19 1.96
N ALA B 288 5.80 15.23 2.21
CA ALA B 288 5.39 16.34 3.07
C ALA B 288 4.19 17.10 2.47
N GLY B 289 4.15 17.26 1.13
CA GLY B 289 3.01 17.87 0.44
C GLY B 289 1.72 17.07 0.64
N CYS B 290 1.80 15.71 0.66
CA CYS B 290 0.70 14.79 0.93
C CYS B 290 0.22 14.96 2.36
N VAL B 291 1.11 15.29 3.29
CA VAL B 291 0.72 15.54 4.68
C VAL B 291 -0.03 16.85 4.75
N LEU B 292 0.45 17.91 4.07
CA LEU B 292 -0.19 19.21 4.05
C LEU B 292 -1.63 19.13 3.51
N ALA B 293 -1.79 18.51 2.34
CA ALA B 293 -3.08 18.35 1.68
C ALA B 293 -4.07 17.55 2.54
N GLU B 294 -3.59 16.55 3.31
CA GLU B 294 -4.39 15.70 4.18
C GLU B 294 -4.87 16.47 5.41
N LEU B 295 -4.00 17.34 5.94
CA LEU B 295 -4.32 18.16 7.10
C LEU B 295 -5.36 19.21 6.69
N LEU B 296 -5.31 19.65 5.42
CA LEU B 296 -6.25 20.61 4.85
C LEU B 296 -7.57 19.96 4.48
N LEU B 297 -7.54 18.75 3.84
CA LEU B 297 -8.74 18.01 3.42
C LEU B 297 -9.45 17.28 4.54
N GLY B 298 -8.71 16.67 5.43
CA GLY B 298 -9.27 15.87 6.51
C GLY B 298 -9.25 14.38 6.17
N GLN B 299 -8.61 14.03 5.04
CA GLN B 299 -8.45 12.67 4.54
C GLN B 299 -7.27 12.65 3.56
N PRO B 300 -6.62 11.50 3.30
CA PRO B 300 -5.51 11.48 2.32
C PRO B 300 -5.89 11.98 0.94
N ILE B 301 -5.01 12.76 0.33
CA ILE B 301 -5.26 13.31 -1.00
C ILE B 301 -5.19 12.25 -2.09
N PHE B 302 -4.21 11.32 -2.00
CA PHE B 302 -4.02 10.29 -3.03
C PHE B 302 -4.18 8.87 -2.51
N PRO B 303 -5.40 8.44 -2.08
CA PRO B 303 -5.55 7.07 -1.57
C PRO B 303 -5.53 6.01 -2.66
N GLY B 304 -5.50 4.76 -2.23
CA GLY B 304 -5.51 3.63 -3.13
C GLY B 304 -4.75 2.48 -2.53
N ASP B 305 -5.23 1.25 -2.76
CA ASP B 305 -4.54 0.08 -2.23
C ASP B 305 -3.53 -0.51 -3.19
N SER B 306 -3.43 0.07 -4.41
CA SER B 306 -2.45 -0.31 -5.42
C SER B 306 -1.85 0.96 -6.01
N GLY B 307 -0.68 0.84 -6.65
CA GLY B 307 -0.01 1.95 -7.31
C GLY B 307 -0.90 2.57 -8.36
N VAL B 308 -1.61 1.73 -9.11
CA VAL B 308 -2.59 2.04 -10.14
C VAL B 308 -3.64 3.03 -9.61
N ASP B 309 -4.31 2.70 -8.49
CA ASP B 309 -5.36 3.52 -7.88
C ASP B 309 -4.82 4.85 -7.38
N GLN B 310 -3.58 4.82 -6.84
CA GLN B 310 -2.87 5.99 -6.34
C GLN B 310 -2.58 6.93 -7.51
N LEU B 311 -2.04 6.40 -8.63
CA LEU B 311 -1.74 7.14 -9.86
C LEU B 311 -2.99 7.82 -10.46
N VAL B 312 -4.16 7.14 -10.43
CA VAL B 312 -5.44 7.69 -10.92
C VAL B 312 -5.81 8.92 -10.10
N GLU B 313 -5.69 8.85 -8.76
CA GLU B 313 -5.96 9.97 -7.85
C GLU B 313 -5.01 11.16 -8.11
N ILE B 314 -3.72 10.88 -8.39
CA ILE B 314 -2.70 11.90 -8.71
C ILE B 314 -3.10 12.56 -10.04
N ILE B 315 -3.33 11.76 -11.10
CA ILE B 315 -3.77 12.23 -12.43
C ILE B 315 -5.06 13.07 -12.35
N LYS B 316 -6.02 12.66 -11.50
CA LYS B 316 -7.28 13.40 -11.29
C LYS B 316 -7.05 14.83 -10.79
N VAL B 317 -5.97 15.05 -9.99
CA VAL B 317 -5.63 16.35 -9.38
C VAL B 317 -4.62 17.15 -10.21
N LEU B 318 -3.53 16.49 -10.63
CA LEU B 318 -2.42 17.10 -11.38
C LEU B 318 -2.57 17.06 -12.92
N GLY B 319 -3.60 16.40 -13.42
CA GLY B 319 -3.74 16.22 -14.86
C GLY B 319 -2.83 15.08 -15.32
N THR B 320 -2.93 14.69 -16.59
CA THR B 320 -2.13 13.60 -17.15
C THR B 320 -0.65 14.03 -17.27
N PRO B 321 0.34 13.21 -16.83
CA PRO B 321 1.74 13.64 -16.96
C PRO B 321 2.20 13.64 -18.42
N THR B 322 2.90 14.70 -18.83
CA THR B 322 3.45 14.84 -20.20
C THR B 322 4.61 13.85 -20.43
N ARG B 323 4.95 13.58 -21.71
CA ARG B 323 6.01 12.65 -22.13
C ARG B 323 7.29 12.90 -21.33
N GLU B 324 7.66 14.20 -21.18
CA GLU B 324 8.85 14.71 -20.48
C GLU B 324 8.73 14.57 -18.95
N GLN B 325 7.50 14.80 -18.39
CA GLN B 325 7.23 14.65 -16.96
C GLN B 325 7.47 13.18 -16.53
N ILE B 326 7.00 12.21 -17.36
CA ILE B 326 7.17 10.78 -17.16
C ILE B 326 8.66 10.40 -17.26
N ARG B 327 9.37 10.96 -18.26
CA ARG B 327 10.79 10.74 -18.51
C ARG B 327 11.61 11.10 -17.26
N GLU B 328 11.28 12.24 -16.60
CA GLU B 328 11.92 12.76 -15.38
C GLU B 328 11.82 11.81 -14.15
N MET B 329 10.64 11.17 -13.98
CA MET B 329 10.34 10.22 -12.90
C MET B 329 11.07 8.88 -13.16
N ASN B 330 10.55 8.04 -14.08
CA ASN B 330 11.16 6.78 -14.52
C ASN B 330 11.15 6.73 -16.06
N PRO B 331 12.35 6.71 -16.71
CA PRO B 331 12.42 6.73 -18.18
C PRO B 331 11.86 5.51 -18.92
N ASN B 332 12.10 4.28 -18.41
CA ASN B 332 11.63 3.01 -18.99
C ASN B 332 10.10 2.90 -19.10
N TYR B 333 9.37 3.74 -18.34
CA TYR B 333 7.91 3.80 -18.25
C TYR B 333 7.25 4.85 -19.16
N THR B 334 7.99 5.37 -20.18
CA THR B 334 7.54 6.39 -21.14
C THR B 334 6.47 5.88 -22.16
N GLU B 335 6.49 4.59 -22.50
CA GLU B 335 5.53 4.02 -23.45
C GLU B 335 4.15 3.74 -22.84
N PHE B 336 4.10 3.10 -21.62
CA PHE B 336 2.87 2.75 -20.91
C PHE B 336 1.89 3.93 -20.82
N LYS B 337 0.68 3.77 -21.38
CA LYS B 337 -0.39 4.77 -21.46
C LYS B 337 -1.32 4.87 -20.24
N PHE B 338 -1.77 6.11 -19.95
CA PHE B 338 -2.64 6.48 -18.83
C PHE B 338 -3.92 7.16 -19.36
N PRO B 339 -5.05 7.20 -18.59
CA PRO B 339 -6.25 7.89 -19.10
C PRO B 339 -6.03 9.39 -19.22
N GLN B 340 -6.61 10.02 -20.26
CA GLN B 340 -6.43 11.45 -20.49
C GLN B 340 -7.43 12.37 -19.81
N ILE B 341 -7.07 12.80 -18.59
CA ILE B 341 -7.81 13.70 -17.72
C ILE B 341 -7.12 15.07 -17.72
N LYS B 342 -7.93 16.15 -17.80
CA LYS B 342 -7.48 17.53 -17.83
C LYS B 342 -6.97 17.99 -16.46
N ALA B 343 -6.02 18.95 -16.47
CA ALA B 343 -5.42 19.55 -15.29
C ALA B 343 -6.50 20.17 -14.40
N HIS B 344 -6.81 19.47 -13.29
CA HIS B 344 -7.83 19.89 -12.33
C HIS B 344 -7.33 21.08 -11.46
N PRO B 345 -8.17 22.13 -11.27
CA PRO B 345 -7.72 23.27 -10.46
C PRO B 345 -7.68 22.91 -8.97
N TRP B 346 -6.54 23.21 -8.32
CA TRP B 346 -6.32 22.96 -6.91
C TRP B 346 -7.32 23.68 -6.01
N THR B 347 -7.89 24.79 -6.52
CA THR B 347 -8.92 25.55 -5.79
C THR B 347 -10.20 24.70 -5.64
N LYS B 348 -10.48 23.78 -6.61
CA LYS B 348 -11.60 22.84 -6.61
C LYS B 348 -11.35 21.58 -5.71
N VAL B 349 -10.07 21.36 -5.28
CA VAL B 349 -9.66 20.23 -4.43
C VAL B 349 -10.10 20.45 -2.97
N PHE B 350 -9.76 21.61 -2.40
CA PHE B 350 -10.00 21.94 -0.99
C PHE B 350 -11.28 22.68 -0.74
N ARG B 351 -11.73 22.74 0.54
CA ARG B 351 -12.94 23.46 0.94
C ARG B 351 -12.84 24.98 0.59
N PRO B 352 -13.96 25.75 0.51
CA PRO B 352 -13.86 27.15 0.08
C PRO B 352 -13.11 28.13 0.99
N ARG B 353 -13.05 27.86 2.30
CA ARG B 353 -12.36 28.76 3.25
C ARG B 353 -10.84 28.47 3.46
N THR B 354 -10.24 27.68 2.52
CA THR B 354 -8.83 27.28 2.48
C THR B 354 -7.99 28.48 2.00
N PRO B 355 -6.91 28.88 2.73
CA PRO B 355 -6.09 30.02 2.28
C PRO B 355 -5.44 29.79 0.90
N PRO B 356 -5.49 30.78 -0.02
CA PRO B 356 -4.86 30.60 -1.34
C PRO B 356 -3.39 30.17 -1.31
N GLU B 357 -2.67 30.56 -0.24
CA GLU B 357 -1.25 30.27 0.00
C GLU B 357 -1.02 28.80 0.35
N ALA B 358 -2.02 28.16 1.03
CA ALA B 358 -2.00 26.73 1.38
C ALA B 358 -2.04 25.92 0.10
N ILE B 359 -2.95 26.29 -0.81
CA ILE B 359 -3.16 25.69 -2.13
C ILE B 359 -1.91 25.87 -3.02
N ALA B 360 -1.38 27.11 -3.11
CA ALA B 360 -0.18 27.49 -3.85
C ALA B 360 1.00 26.63 -3.42
N LEU B 361 1.17 26.41 -2.09
CA LEU B 361 2.22 25.56 -1.49
C LEU B 361 2.06 24.13 -2.02
N CYS B 362 0.83 23.53 -1.91
CA CYS B 362 0.53 22.17 -2.39
C CYS B 362 0.97 21.99 -3.82
N SER B 363 0.49 22.88 -4.71
CA SER B 363 0.78 22.81 -6.14
C SER B 363 2.28 22.83 -6.46
N ARG B 364 3.10 23.48 -5.62
CA ARG B 364 4.54 23.59 -5.77
C ARG B 364 5.32 22.45 -5.10
N LEU B 365 4.68 21.71 -4.17
CA LEU B 365 5.26 20.55 -3.51
C LEU B 365 4.91 19.30 -4.32
N LEU B 366 3.65 19.21 -4.74
CA LEU B 366 3.10 18.06 -5.47
C LEU B 366 3.21 18.24 -6.98
N GLU B 367 4.47 18.21 -7.48
CA GLU B 367 4.86 18.32 -8.88
C GLU B 367 5.32 16.96 -9.39
N TYR B 368 4.95 16.57 -10.63
CA TYR B 368 5.44 15.34 -11.27
C TYR B 368 6.96 15.38 -11.38
N THR B 369 7.52 16.47 -11.91
CA THR B 369 8.96 16.63 -12.09
C THR B 369 9.65 16.83 -10.73
N PRO B 370 10.46 15.84 -10.28
CA PRO B 370 11.13 16.00 -8.98
C PRO B 370 11.96 17.28 -8.81
N THR B 371 12.57 17.77 -9.89
CA THR B 371 13.40 18.99 -9.87
C THR B 371 12.57 20.27 -9.81
N ALA B 372 11.26 20.18 -10.14
CA ALA B 372 10.34 21.33 -10.12
C ALA B 372 9.71 21.52 -8.72
N ARG B 373 9.87 20.55 -7.80
CA ARG B 373 9.31 20.67 -6.45
C ARG B 373 10.15 21.67 -5.65
N LEU B 374 9.51 22.43 -4.74
CA LEU B 374 10.20 23.35 -3.83
C LEU B 374 11.19 22.56 -3.02
N THR B 375 12.23 23.20 -2.46
CA THR B 375 13.15 22.47 -1.59
C THR B 375 12.57 22.68 -0.18
N PRO B 376 12.92 21.88 0.85
CA PRO B 376 12.36 22.16 2.19
C PRO B 376 12.56 23.62 2.63
N LEU B 377 13.79 24.16 2.44
CA LEU B 377 14.16 25.52 2.82
C LEU B 377 13.41 26.57 2.04
N GLU B 378 13.08 26.32 0.76
CA GLU B 378 12.30 27.25 -0.06
C GLU B 378 10.83 27.24 0.37
N ALA B 379 10.34 26.11 0.92
CA ALA B 379 8.97 25.91 1.40
C ALA B 379 8.79 26.65 2.73
N CYS B 380 9.82 26.66 3.60
CA CYS B 380 9.81 27.42 4.86
C CYS B 380 9.58 28.92 4.57
N ALA B 381 10.18 29.44 3.46
CA ALA B 381 10.16 30.84 2.99
C ALA B 381 8.89 31.22 2.21
N HIS B 382 8.00 30.23 2.01
CA HIS B 382 6.74 30.40 1.27
C HIS B 382 5.79 31.33 2.04
N SER B 383 4.91 32.05 1.30
CA SER B 383 3.94 32.99 1.86
C SER B 383 2.98 32.35 2.86
N PHE B 384 2.72 31.04 2.74
CA PHE B 384 1.84 30.30 3.67
C PHE B 384 2.32 30.36 5.12
N PHE B 385 3.66 30.45 5.32
CA PHE B 385 4.26 30.51 6.64
C PHE B 385 4.51 31.92 7.16
N ASP B 386 4.08 32.96 6.41
CA ASP B 386 4.25 34.38 6.79
C ASP B 386 3.71 34.70 8.17
N GLU B 387 2.50 34.17 8.51
CA GLU B 387 1.89 34.36 9.83
C GLU B 387 2.86 33.99 10.98
N LEU B 388 3.67 32.93 10.77
CA LEU B 388 4.65 32.50 11.77
C LEU B 388 5.75 33.51 11.97
N ARG B 389 6.06 34.29 10.90
CA ARG B 389 7.08 35.32 10.89
C ARG B 389 6.59 36.67 11.47
N ASP B 390 5.29 36.76 11.85
CA ASP B 390 4.71 37.93 12.48
C ASP B 390 5.27 38.00 13.92
N PRO B 391 5.70 39.21 14.38
CA PRO B 391 6.26 39.32 15.73
C PRO B 391 5.30 39.00 16.86
N ASN B 392 3.98 39.20 16.60
CA ASN B 392 2.88 39.07 17.55
C ASN B 392 2.14 37.76 17.48
N VAL B 393 2.72 36.79 16.74
CA VAL B 393 2.18 35.45 16.58
C VAL B 393 2.20 34.73 17.93
N LYS B 394 1.04 34.18 18.29
CA LYS B 394 0.85 33.45 19.53
C LYS B 394 0.05 32.20 19.25
N LEU B 395 0.22 31.20 20.11
CA LEU B 395 -0.52 29.95 20.04
C LEU B 395 -1.97 30.23 20.55
N PRO B 396 -3.00 29.45 20.15
CA PRO B 396 -4.36 29.71 20.66
C PRO B 396 -4.49 29.56 22.19
N ASN B 397 -3.61 28.75 22.81
CA ASN B 397 -3.58 28.53 24.25
C ASN B 397 -2.88 29.67 25.03
N GLY B 398 -2.59 30.76 24.32
CA GLY B 398 -1.93 31.95 24.84
C GLY B 398 -0.40 31.91 24.80
N ARG B 399 0.19 30.68 24.83
CA ARG B 399 1.65 30.47 24.85
C ARG B 399 2.34 31.05 23.62
N ASP B 400 3.67 31.23 23.73
CA ASP B 400 4.48 31.71 22.62
C ASP B 400 4.69 30.56 21.63
N THR B 401 4.92 30.89 20.35
CA THR B 401 5.22 29.85 19.37
C THR B 401 6.59 29.22 19.76
N PRO B 402 6.88 27.96 19.40
CA PRO B 402 8.22 27.42 19.74
C PRO B 402 9.35 28.05 18.89
N ALA B 403 10.59 27.59 19.07
CA ALA B 403 11.75 28.04 18.28
C ALA B 403 11.41 27.92 16.78
N LEU B 404 11.63 29.01 15.99
CA LEU B 404 11.28 28.99 14.59
C LEU B 404 12.33 29.59 13.68
N PHE B 405 13.22 30.40 14.26
CA PHE B 405 14.20 31.17 13.48
C PHE B 405 15.66 30.90 13.83
N ASN B 406 15.92 29.96 14.73
CA ASN B 406 17.27 29.61 15.13
C ASN B 406 17.99 28.76 14.05
N PHE B 407 18.00 29.24 12.79
CA PHE B 407 18.65 28.52 11.70
C PHE B 407 20.18 28.54 11.87
N THR B 408 20.85 27.41 11.54
CA THR B 408 22.31 27.30 11.55
C THR B 408 22.78 27.42 10.12
N THR B 409 24.13 27.55 9.93
CA THR B 409 24.75 27.61 8.60
C THR B 409 24.49 26.26 7.89
N GLN B 410 24.56 25.15 8.66
CA GLN B 410 24.25 23.80 8.15
C GLN B 410 22.86 23.78 7.52
N GLU B 411 21.80 24.18 8.27
CA GLU B 411 20.44 24.19 7.70
C GLU B 411 20.16 25.20 6.62
N LEU B 412 20.93 26.28 6.58
CA LEU B 412 20.79 27.29 5.52
C LEU B 412 21.64 27.01 4.25
N SER B 413 22.58 26.03 4.32
CA SER B 413 23.54 25.68 3.26
C SER B 413 23.06 25.51 1.83
N SER B 414 21.85 24.96 1.62
CA SER B 414 21.32 24.80 0.28
C SER B 414 21.10 26.14 -0.45
N ASN B 415 20.79 27.21 0.32
CA ASN B 415 20.50 28.54 -0.24
C ASN B 415 20.70 29.63 0.86
N PRO B 416 21.98 29.94 1.26
CA PRO B 416 22.20 30.98 2.30
C PRO B 416 21.40 32.29 2.14
N PRO B 417 21.24 32.90 0.93
CA PRO B 417 20.40 34.11 0.81
C PRO B 417 18.94 34.00 1.25
N LEU B 418 18.43 32.79 1.53
CA LEU B 418 17.02 32.64 1.96
C LEU B 418 16.74 33.18 3.36
N ALA B 419 17.82 33.30 4.18
CA ALA B 419 17.82 33.85 5.55
C ALA B 419 17.22 35.25 5.61
N THR B 420 17.24 35.99 4.48
CA THR B 420 16.66 37.33 4.40
C THR B 420 15.16 37.30 4.65
N ILE B 421 14.50 36.20 4.24
CA ILE B 421 13.07 35.93 4.44
C ILE B 421 12.92 35.10 5.70
N LEU B 422 13.70 34.03 5.83
CA LEU B 422 13.63 33.08 6.94
C LEU B 422 13.74 33.66 8.33
N ILE B 423 14.75 34.51 8.57
CA ILE B 423 14.96 35.19 9.85
C ILE B 423 14.33 36.58 9.75
N PRO B 424 13.12 36.80 10.36
CA PRO B 424 12.44 38.09 10.22
C PRO B 424 13.12 39.21 11.01
N PRO B 425 12.91 40.51 10.64
CA PRO B 425 13.58 41.62 11.36
C PRO B 425 13.53 41.53 12.89
N HIS B 426 12.36 41.19 13.49
CA HIS B 426 12.25 41.03 14.94
C HIS B 426 13.22 39.99 15.59
N ALA B 427 13.49 38.86 14.87
CA ALA B 427 14.36 37.74 15.30
C ALA B 427 15.83 38.18 15.28
N ARG B 428 16.16 39.15 14.42
CA ARG B 428 17.51 39.73 14.29
C ARG B 428 17.90 40.58 15.52
N ILE B 429 17.04 41.56 15.93
CA ILE B 429 17.24 42.45 17.09
C ILE B 429 17.78 41.67 18.32
N GLN B 430 18.79 42.12 18.90
#